data_5BOA
#
_entry.id   5BOA
#
_cell.length_a   126.488
_cell.length_b   136.574
_cell.length_c   75.551
_cell.angle_alpha   90.000
_cell.angle_beta   90.000
_cell.angle_gamma   90.000
#
_symmetry.space_group_name_H-M   'P 21 21 2'
#
loop_
_entity.id
_entity.type
_entity.pdbx_description
1 polymer 'Translation initiation factor 2 (IF-2 GTPase)'
2 branched alpha-D-galactopyranose-(1-4)-beta-D-galactopyranose
#
_entity_poly.entity_id   1
_entity_poly.type   'polypeptide(L)'
_entity_poly.pdbx_seq_one_letter_code
;MGSSHHHHHHSSGLVPRGSHMKQQSPLIQTSNADYKSGKDQEKLRTSVSINLLKAEEGQIQWKVTFDTSEWSFNVKHGGV
YFILPNGLDLTKIVDNNQHDITASFPTDINDYRNSGQEKYRFFSSKQGLDNENGFNSQWNWSAGQANPSETVNSWKSGNR
LSKIYFINQITDTTELTYTLTAKVTEPNQQSFPLLAVMKSFTYTNSKSTEVTSLGAREITLEKEKT
;
_entity_poly.pdbx_strand_id   A,B,C,D,E,F
#
# COMPACT_ATOMS: atom_id res chain seq x y z
N GLN A 24 -23.42 7.89 12.86
CA GLN A 24 -22.01 7.50 12.76
C GLN A 24 -21.14 8.60 12.15
N SER A 25 -19.92 8.72 12.70
CA SER A 25 -18.90 9.68 12.26
C SER A 25 -18.41 9.42 10.83
N PRO A 26 -17.48 10.25 10.32
CA PRO A 26 -16.83 9.83 9.07
C PRO A 26 -15.72 8.79 9.34
N LEU A 27 -15.31 8.05 8.32
CA LEU A 27 -14.37 6.94 8.53
C LEU A 27 -12.93 7.40 8.82
N ILE A 28 -12.33 6.84 9.85
CA ILE A 28 -10.91 7.09 10.14
C ILE A 28 -10.10 5.92 9.56
N GLN A 29 -8.99 6.25 8.87
CA GLN A 29 -8.04 5.24 8.34
C GLN A 29 -6.58 5.68 8.42
N THR A 30 -5.76 4.83 9.03
CA THR A 30 -4.35 5.13 9.17
C THR A 30 -3.52 3.85 8.96
N SER A 31 -2.24 4.03 8.62
CA SER A 31 -1.31 2.91 8.52
C SER A 31 0.15 3.34 8.73
N ASN A 32 1.00 2.37 9.05
CA ASN A 32 2.42 2.67 9.21
C ASN A 32 3.15 2.44 7.89
N ALA A 33 2.38 2.19 6.83
CA ALA A 33 2.95 2.01 5.50
C ALA A 33 3.59 3.31 5.01
N ASP A 34 4.83 3.22 4.53
CA ASP A 34 5.58 4.39 4.12
C ASP A 34 6.16 4.24 2.72
N TYR A 35 7.18 5.04 2.41
CA TYR A 35 7.79 5.05 1.08
C TYR A 35 8.24 3.67 0.62
N LYS A 36 8.49 2.77 1.56
CA LYS A 36 9.07 1.47 1.18
C LYS A 36 8.10 0.62 0.34
N SER A 37 6.85 1.06 0.18
CA SER A 37 5.86 0.25 -0.49
C SER A 37 5.34 0.87 -1.78
N GLY A 38 6.12 1.81 -2.32
CA GLY A 38 5.83 2.37 -3.63
C GLY A 38 4.41 2.81 -3.84
N LYS A 39 3.85 2.48 -5.00
CA LYS A 39 2.51 2.92 -5.37
C LYS A 39 1.42 2.14 -4.63
N ASP A 40 1.82 1.29 -3.69
CA ASP A 40 0.89 0.59 -2.81
C ASP A 40 0.61 1.34 -1.49
N GLN A 41 1.46 2.30 -1.14
CA GLN A 41 1.36 2.96 0.16
C GLN A 41 -0.04 3.45 0.47
N GLU A 42 -0.70 4.11 -0.48
CA GLU A 42 -2.01 4.68 -0.22
C GLU A 42 -3.14 3.62 -0.30
N LYS A 43 -3.04 2.65 -1.21
CA LYS A 43 -4.01 1.54 -1.19
C LYS A 43 -3.93 0.80 0.14
N LEU A 44 -2.70 0.62 0.63
CA LEU A 44 -2.48 0.01 1.94
C LEU A 44 -3.15 0.78 3.07
N ARG A 45 -3.04 2.11 3.02
CA ARG A 45 -3.58 2.93 4.09
C ARG A 45 -5.11 2.82 4.17
N THR A 46 -5.75 2.69 3.03
CA THR A 46 -7.19 2.77 3.00
C THR A 46 -7.88 1.43 2.92
N SER A 47 -7.19 0.35 3.30
CA SER A 47 -7.77 -0.99 3.14
C SER A 47 -8.88 -1.38 4.15
N VAL A 48 -8.91 -0.77 5.34
CA VAL A 48 -9.90 -1.11 6.37
C VAL A 48 -11.07 -0.14 6.39
N SER A 49 -12.30 -0.66 6.34
CA SER A 49 -13.46 0.21 6.44
C SER A 49 -14.56 -0.40 7.28
N ILE A 50 -15.33 0.47 7.93
CA ILE A 50 -16.38 0.05 8.85
C ILE A 50 -17.68 0.78 8.54
N ASN A 51 -18.77 0.03 8.49
CA ASN A 51 -20.06 0.58 8.18
C ASN A 51 -21.14 0.10 9.13
N LEU A 52 -21.80 1.05 9.79
CA LEU A 52 -22.94 0.71 10.64
C LEU A 52 -24.05 0.07 9.79
N LEU A 53 -24.69 -0.96 10.34
CA LEU A 53 -25.79 -1.61 9.65
C LEU A 53 -27.15 -1.38 10.32
N LYS A 54 -27.20 -1.43 11.64
CA LYS A 54 -28.47 -1.31 12.37
C LYS A 54 -28.26 -0.54 13.66
N GLY A 58 -31.84 -2.44 21.17
CA GLY A 58 -30.75 -2.35 22.13
C GLY A 58 -29.53 -3.10 21.64
N GLN A 59 -29.11 -2.78 20.43
CA GLN A 59 -28.11 -3.59 19.76
C GLN A 59 -27.37 -2.82 18.69
N ILE A 60 -26.09 -3.12 18.50
CA ILE A 60 -25.34 -2.55 17.41
C ILE A 60 -24.80 -3.64 16.48
N GLN A 61 -24.94 -3.40 15.18
CA GLN A 61 -24.46 -4.32 14.18
C GLN A 61 -23.68 -3.56 13.14
N TRP A 62 -22.50 -4.04 12.80
CA TRP A 62 -21.67 -3.33 11.83
C TRP A 62 -20.87 -4.32 11.02
N LYS A 63 -20.38 -3.88 9.87
CA LYS A 63 -19.65 -4.79 8.99
C LYS A 63 -18.29 -4.22 8.67
N VAL A 64 -17.30 -5.10 8.70
CA VAL A 64 -15.90 -4.76 8.51
C VAL A 64 -15.40 -5.31 7.17
N THR A 65 -14.76 -4.48 6.37
CA THR A 65 -14.28 -4.90 5.07
C THR A 65 -12.77 -4.70 4.97
N PHE A 66 -12.05 -5.76 4.65
CA PHE A 66 -10.59 -5.71 4.48
C PHE A 66 -10.16 -5.86 3.02
N ASP A 67 -9.69 -4.80 2.38
CA ASP A 67 -9.19 -5.00 1.03
C ASP A 67 -7.80 -5.62 1.04
N THR A 68 -7.73 -6.95 1.02
CA THR A 68 -6.43 -7.63 1.11
C THR A 68 -5.62 -7.64 -0.20
N SER A 69 -6.14 -6.97 -1.23
CA SER A 69 -5.51 -6.89 -2.57
C SER A 69 -3.98 -6.79 -2.67
N GLU A 70 -3.40 -5.80 -2.00
CA GLU A 70 -1.97 -5.58 -2.18
C GLU A 70 -1.20 -6.09 -0.99
N TRP A 71 -1.82 -6.92 -0.18
CA TRP A 71 -1.15 -7.31 1.04
C TRP A 71 -0.28 -8.54 0.94
N SER A 72 -0.27 -9.18 -0.23
CA SER A 72 0.54 -10.39 -0.46
C SER A 72 0.27 -11.53 0.56
N PHE A 73 -0.97 -11.66 1.03
CA PHE A 73 -1.29 -12.65 2.07
C PHE A 73 -1.15 -14.08 1.55
N ASN A 74 -1.29 -14.24 0.23
CA ASN A 74 -1.24 -15.57 -0.38
C ASN A 74 0.18 -16.13 -0.44
N VAL A 75 1.16 -15.24 -0.25
CA VAL A 75 2.58 -15.59 -0.22
C VAL A 75 3.03 -15.85 1.22
N LYS A 76 2.68 -14.94 2.12
CA LYS A 76 2.96 -15.10 3.54
C LYS A 76 1.77 -14.51 4.31
N HIS A 77 1.11 -15.29 5.18
CA HIS A 77 -0.18 -14.82 5.67
C HIS A 77 -0.16 -13.50 6.44
N GLY A 78 -1.36 -12.96 6.66
CA GLY A 78 -1.57 -11.93 7.64
C GLY A 78 -2.54 -12.33 8.77
N GLY A 79 -3.07 -11.30 9.43
CA GLY A 79 -4.03 -11.44 10.49
C GLY A 79 -4.94 -10.22 10.55
N VAL A 80 -6.14 -10.41 11.11
CA VAL A 80 -7.02 -9.27 11.37
C VAL A 80 -7.43 -9.18 12.85
N TYR A 81 -7.93 -7.98 13.21
CA TYR A 81 -8.32 -7.64 14.58
C TYR A 81 -9.65 -6.90 14.60
N PHE A 82 -10.53 -7.29 15.51
CA PHE A 82 -11.75 -6.55 15.77
C PHE A 82 -11.71 -6.03 17.20
N ILE A 83 -11.87 -4.72 17.36
CA ILE A 83 -11.73 -4.09 18.68
C ILE A 83 -13.04 -3.44 19.18
N LEU A 84 -13.49 -3.87 20.34
CA LEU A 84 -14.79 -3.45 20.90
C LEU A 84 -14.67 -2.59 22.15
N PRO A 85 -15.60 -1.63 22.31
CA PRO A 85 -15.54 -0.69 23.42
C PRO A 85 -16.17 -1.25 24.68
N ASN A 86 -16.06 -0.53 25.79
CA ASN A 86 -16.92 -0.85 26.94
C ASN A 86 -18.37 -0.62 26.58
N GLY A 87 -19.26 -1.44 27.09
CA GLY A 87 -20.67 -1.23 26.85
C GLY A 87 -21.18 -2.03 25.68
N LEU A 88 -20.27 -2.70 24.96
CA LEU A 88 -20.69 -3.59 23.89
C LEU A 88 -20.27 -5.02 24.17
N ASP A 89 -21.18 -5.95 23.91
CA ASP A 89 -20.85 -7.35 24.05
C ASP A 89 -21.14 -8.08 22.77
N LEU A 90 -20.08 -8.59 22.16
CA LEU A 90 -20.20 -9.42 20.97
C LEU A 90 -21.20 -10.51 21.26
N THR A 91 -22.24 -10.58 20.44
CA THR A 91 -23.12 -11.74 20.49
C THR A 91 -22.96 -12.59 19.23
N LYS A 92 -22.66 -11.96 18.10
CA LYS A 92 -22.50 -12.69 16.84
C LYS A 92 -21.38 -12.11 15.98
N ILE A 93 -20.52 -12.98 15.45
CA ILE A 93 -19.57 -12.60 14.38
C ILE A 93 -19.52 -13.62 13.23
N VAL A 94 -19.75 -13.11 12.02
CA VAL A 94 -19.81 -13.91 10.80
C VAL A 94 -18.67 -13.53 9.85
N ASP A 95 -17.89 -14.50 9.38
CA ASP A 95 -16.75 -14.21 8.51
C ASP A 95 -17.13 -14.01 7.03
N ASN A 96 -16.12 -13.81 6.20
CA ASN A 96 -16.38 -13.58 4.79
C ASN A 96 -17.08 -14.74 4.06
N ASN A 97 -16.95 -15.97 4.56
CA ASN A 97 -17.68 -17.12 4.01
C ASN A 97 -19.09 -17.26 4.58
N GLN A 98 -19.54 -16.21 5.25
CA GLN A 98 -20.82 -16.23 5.95
C GLN A 98 -20.91 -17.42 6.93
N HIS A 99 -19.82 -17.66 7.64
CA HIS A 99 -19.83 -18.67 8.68
C HIS A 99 -19.78 -17.98 10.02
N ASP A 100 -20.70 -18.36 10.91
CA ASP A 100 -20.77 -17.84 12.27
C ASP A 100 -19.62 -18.43 13.11
N ILE A 101 -18.59 -17.65 13.33
CA ILE A 101 -17.40 -18.13 14.02
C ILE A 101 -17.35 -17.76 15.50
N THR A 102 -18.39 -17.07 15.98
CA THR A 102 -18.51 -16.66 17.39
C THR A 102 -17.96 -17.73 18.35
N ALA A 103 -18.47 -18.94 18.28
CA ALA A 103 -18.03 -19.95 19.24
C ALA A 103 -16.58 -20.40 19.08
N SER A 104 -15.86 -19.89 18.08
CA SER A 104 -14.46 -20.28 17.85
C SER A 104 -13.47 -19.54 18.75
N PHE A 105 -13.90 -18.42 19.32
CA PHE A 105 -13.05 -17.56 20.13
C PHE A 105 -13.11 -17.96 21.59
N PRO A 106 -11.94 -18.10 22.24
CA PRO A 106 -11.92 -18.33 23.68
C PRO A 106 -12.68 -17.28 24.48
N THR A 107 -13.13 -17.64 25.68
CA THR A 107 -13.68 -16.65 26.58
C THR A 107 -12.71 -16.43 27.74
N ASP A 108 -11.85 -17.41 28.01
CA ASP A 108 -10.75 -17.28 28.97
C ASP A 108 -9.42 -17.12 28.22
N ILE A 109 -8.80 -15.96 28.36
CA ILE A 109 -7.59 -15.66 27.61
C ILE A 109 -6.47 -16.66 27.95
N ASN A 110 -6.60 -17.35 29.08
CA ASN A 110 -5.59 -18.33 29.40
C ASN A 110 -5.99 -19.76 29.09
N ASP A 111 -7.14 -19.93 28.45
CA ASP A 111 -7.47 -21.21 27.85
C ASP A 111 -6.32 -21.61 26.89
N TYR A 112 -6.00 -22.90 26.89
CA TYR A 112 -4.96 -23.41 26.03
C TYR A 112 -5.35 -23.33 24.55
N ARG A 113 -6.62 -23.02 24.29
CA ARG A 113 -7.13 -22.84 22.94
C ARG A 113 -6.89 -21.41 22.49
N ASN A 114 -6.22 -20.63 23.33
CA ASN A 114 -5.91 -19.23 23.06
C ASN A 114 -4.39 -18.96 22.85
N SER A 115 -3.60 -20.03 22.71
CA SER A 115 -2.17 -19.88 22.52
C SER A 115 -1.83 -19.15 21.21
N GLY A 116 -0.58 -18.68 21.12
CA GLY A 116 -0.08 -17.96 19.96
C GLY A 116 -0.30 -18.67 18.63
N GLN A 117 -0.23 -20.00 18.62
CA GLN A 117 -0.47 -20.79 17.41
C GLN A 117 -1.92 -20.72 16.88
N GLU A 118 -2.89 -20.63 17.78
CA GLU A 118 -4.29 -20.78 17.37
C GLU A 118 -4.77 -19.68 16.44
N LYS A 119 -5.79 -20.01 15.65
CA LYS A 119 -6.33 -19.11 14.64
C LYS A 119 -7.23 -18.03 15.25
N TYR A 120 -8.11 -18.42 16.15
CA TYR A 120 -9.00 -17.45 16.75
C TYR A 120 -8.54 -17.18 18.16
N ARG A 121 -8.20 -15.94 18.42
CA ARG A 121 -7.74 -15.57 19.74
C ARG A 121 -8.58 -14.44 20.31
N PHE A 122 -8.65 -14.40 21.63
CA PHE A 122 -9.44 -13.42 22.34
C PHE A 122 -8.57 -12.70 23.37
N PHE A 123 -8.73 -11.39 23.49
CA PHE A 123 -8.01 -10.60 24.48
C PHE A 123 -8.97 -9.63 25.17
N SER A 124 -8.79 -9.44 26.47
CA SER A 124 -9.76 -8.72 27.30
C SER A 124 -9.08 -7.92 28.41
N SER A 125 -9.45 -6.65 28.55
CA SER A 125 -8.81 -5.79 29.53
C SER A 125 -9.08 -6.27 30.96
N LYS A 126 -10.29 -6.77 31.20
CA LYS A 126 -10.65 -7.34 32.50
C LYS A 126 -9.75 -8.50 32.95
N GLN A 127 -9.17 -9.20 31.97
CA GLN A 127 -8.48 -10.45 32.26
C GLN A 127 -6.97 -10.25 32.34
N GLY A 128 -6.47 -9.16 31.75
CA GLY A 128 -5.05 -8.86 31.83
C GLY A 128 -4.56 -7.86 30.81
N LEU A 129 -3.53 -7.11 31.17
CA LEU A 129 -3.04 -6.01 30.34
C LEU A 129 -1.67 -6.31 29.76
N ASP A 130 -0.82 -6.92 30.55
CA ASP A 130 0.56 -7.12 30.12
C ASP A 130 0.81 -8.59 29.75
N ASN A 131 1.95 -8.87 29.12
CA ASN A 131 2.30 -10.19 28.55
C ASN A 131 1.62 -10.45 27.23
N GLU A 132 2.02 -11.53 26.58
CA GLU A 132 1.67 -11.80 25.20
C GLU A 132 0.16 -11.82 24.95
N ASN A 133 -0.61 -12.40 25.88
CA ASN A 133 -2.06 -12.39 25.68
C ASN A 133 -2.74 -11.25 26.44
N GLY A 134 -1.95 -10.27 26.87
CA GLY A 134 -2.45 -9.10 27.59
C GLY A 134 -3.05 -8.03 26.68
N PHE A 135 -4.09 -7.37 27.18
CA PHE A 135 -4.84 -6.42 26.36
C PHE A 135 -3.94 -5.33 25.78
N ASN A 136 -3.05 -4.78 26.60
CA ASN A 136 -2.20 -3.71 26.14
C ASN A 136 -1.17 -4.20 25.13
N SER A 137 -0.66 -5.41 25.34
CA SER A 137 0.32 -5.97 24.40
C SER A 137 -0.31 -6.15 23.01
N GLN A 138 -1.53 -6.65 22.99
CA GLN A 138 -2.21 -6.89 21.73
C GLN A 138 -2.66 -5.60 21.09
N TRP A 139 -3.03 -4.59 21.90
CA TRP A 139 -3.29 -3.28 21.32
C TRP A 139 -2.04 -2.80 20.59
N ASN A 140 -0.91 -2.89 21.29
CA ASN A 140 0.37 -2.38 20.79
C ASN A 140 0.79 -3.03 19.47
N TRP A 141 0.56 -4.33 19.40
CA TRP A 141 0.87 -5.12 18.20
C TRP A 141 -0.19 -4.98 17.09
N SER A 142 -1.39 -4.50 17.42
CA SER A 142 -2.40 -4.29 16.38
C SER A 142 -2.59 -2.80 16.06
N ALA A 143 -3.53 -2.12 16.71
CA ALA A 143 -3.85 -0.75 16.32
C ALA A 143 -2.70 0.20 16.61
N GLY A 144 -2.02 -0.01 17.74
CA GLY A 144 -0.85 0.78 18.04
C GLY A 144 0.13 0.95 16.89
N GLN A 145 0.16 -0.01 15.98
CA GLN A 145 1.17 -0.02 14.94
C GLN A 145 0.72 0.70 13.69
N ALA A 146 -0.53 1.13 13.66
CA ALA A 146 -1.13 1.62 12.43
C ALA A 146 -1.07 3.16 12.34
N ASN A 147 -0.01 3.74 12.90
CA ASN A 147 0.09 5.19 13.08
C ASN A 147 -1.24 5.81 13.44
N PRO A 148 -1.89 5.33 14.53
CA PRO A 148 -3.21 5.85 14.94
C PRO A 148 -3.24 7.37 15.15
N SER A 149 -4.26 8.04 14.63
CA SER A 149 -4.47 9.47 14.88
C SER A 149 -4.70 9.75 16.36
N GLU A 150 -4.67 11.02 16.73
CA GLU A 150 -4.99 11.43 18.11
C GLU A 150 -6.29 10.81 18.63
N THR A 151 -7.32 10.78 17.78
CA THR A 151 -8.64 10.30 18.20
C THR A 151 -8.62 8.84 18.63
N VAL A 152 -8.03 7.99 17.81
CA VAL A 152 -7.92 6.57 18.13
C VAL A 152 -7.12 6.38 19.43
N ASN A 153 -6.08 7.19 19.60
CA ASN A 153 -5.28 7.11 20.81
C ASN A 153 -6.06 7.58 22.07
N SER A 154 -6.93 8.57 21.93
CA SER A 154 -7.82 8.99 23.03
C SER A 154 -8.61 7.81 23.56
N TRP A 155 -9.21 7.05 22.64
CA TRP A 155 -10.00 5.89 22.97
C TRP A 155 -9.21 4.90 23.79
N LYS A 156 -8.01 4.58 23.35
CA LYS A 156 -7.18 3.61 24.06
C LYS A 156 -6.75 4.17 25.40
N SER A 157 -6.33 5.44 25.39
CA SER A 157 -5.80 6.08 26.59
C SER A 157 -6.91 6.41 27.59
N GLY A 158 -8.09 6.73 27.07
CA GLY A 158 -9.25 7.01 27.90
C GLY A 158 -9.93 5.75 28.38
N ASN A 159 -9.22 4.63 28.27
CA ASN A 159 -9.69 3.31 28.69
C ASN A 159 -11.09 2.94 28.17
N ARG A 160 -11.45 3.45 27.00
CA ARG A 160 -12.80 3.23 26.47
C ARG A 160 -12.99 1.92 25.68
N LEU A 161 -11.93 1.10 25.58
CA LEU A 161 -11.97 -0.15 24.81
C LEU A 161 -11.58 -1.34 25.69
N SER A 162 -12.10 -2.53 25.40
CA SER A 162 -11.91 -3.63 26.34
C SER A 162 -11.76 -5.03 25.74
N LYS A 163 -12.20 -5.23 24.50
CA LYS A 163 -12.07 -6.57 23.94
C LYS A 163 -11.43 -6.57 22.55
N ILE A 164 -10.49 -7.49 22.37
CA ILE A 164 -9.94 -7.72 21.03
C ILE A 164 -10.15 -9.14 20.55
N TYR A 165 -10.70 -9.25 19.34
CA TYR A 165 -10.91 -10.51 18.66
C TYR A 165 -9.94 -10.61 17.48
N PHE A 166 -9.22 -11.73 17.42
CA PHE A 166 -8.13 -11.86 16.46
C PHE A 166 -8.23 -13.11 15.61
N ILE A 167 -8.00 -12.95 14.31
CA ILE A 167 -7.92 -14.10 13.43
C ILE A 167 -6.57 -14.19 12.70
N ASN A 168 -5.85 -15.29 12.91
CA ASN A 168 -4.60 -15.56 12.21
C ASN A 168 -4.86 -16.24 10.87
N GLN A 169 -3.80 -16.38 10.07
CA GLN A 169 -3.85 -17.15 8.82
C GLN A 169 -4.74 -16.55 7.75
N ILE A 170 -4.77 -15.24 7.61
CA ILE A 170 -5.46 -14.67 6.45
C ILE A 170 -4.60 -14.80 5.20
N THR A 171 -5.12 -15.49 4.19
CA THR A 171 -4.35 -15.76 2.99
C THR A 171 -5.11 -15.31 1.74
N ASP A 172 -6.19 -14.58 1.94
CA ASP A 172 -7.04 -14.17 0.83
C ASP A 172 -6.34 -13.07 0.05
N THR A 173 -6.85 -12.76 -1.13
CA THR A 173 -6.28 -11.70 -1.96
C THR A 173 -7.40 -10.80 -2.46
N THR A 174 -8.61 -11.08 -2.01
CA THR A 174 -9.78 -10.28 -2.33
C THR A 174 -10.31 -9.52 -1.11
N GLU A 175 -11.41 -8.80 -1.30
CA GLU A 175 -12.08 -8.07 -0.23
C GLU A 175 -12.82 -8.96 0.77
N LEU A 176 -12.36 -9.04 2.01
CA LEU A 176 -13.10 -9.82 3.02
C LEU A 176 -14.06 -8.96 3.84
N THR A 177 -15.30 -9.40 3.94
CA THR A 177 -16.29 -8.71 4.77
C THR A 177 -16.72 -9.55 5.95
N TYR A 178 -16.58 -9.01 7.15
CA TYR A 178 -17.13 -9.64 8.36
C TYR A 178 -18.33 -8.84 8.84
N THR A 179 -19.22 -9.50 9.58
CA THR A 179 -20.38 -8.83 10.11
C THR A 179 -20.49 -9.13 11.58
N LEU A 180 -20.57 -8.08 12.39
CA LEU A 180 -20.52 -8.18 13.84
C LEU A 180 -21.79 -7.61 14.46
N THR A 181 -22.31 -8.33 15.45
CA THR A 181 -23.44 -7.86 16.22
C THR A 181 -23.08 -7.92 17.70
N ALA A 182 -23.50 -6.90 18.45
CA ALA A 182 -23.15 -6.79 19.86
C ALA A 182 -24.27 -6.14 20.65
N LYS A 183 -24.50 -6.59 21.88
CA LYS A 183 -25.55 -5.95 22.66
C LYS A 183 -25.01 -4.86 23.55
N VAL A 184 -25.73 -3.73 23.55
CA VAL A 184 -25.36 -2.59 24.36
C VAL A 184 -25.67 -2.87 25.81
N THR A 185 -24.63 -3.00 26.62
CA THR A 185 -24.79 -3.46 27.99
C THR A 185 -25.01 -2.33 28.97
N GLU A 186 -24.63 -1.12 28.54
CA GLU A 186 -24.63 0.03 29.43
C GLU A 186 -25.67 1.08 29.04
N GLN A 189 -25.31 4.82 27.98
CA GLN A 189 -24.17 5.27 27.21
C GLN A 189 -24.36 5.61 25.69
N GLN A 190 -23.61 6.65 25.31
CA GLN A 190 -23.80 7.37 24.08
C GLN A 190 -22.66 7.17 23.07
N SER A 191 -21.41 7.07 23.53
CA SER A 191 -20.29 6.93 22.60
C SER A 191 -19.87 5.47 22.37
N PHE A 192 -19.71 5.09 21.11
CA PHE A 192 -19.33 3.71 20.79
C PHE A 192 -18.25 3.58 19.70
N PRO A 193 -16.99 3.67 20.07
CA PRO A 193 -15.91 3.49 19.09
C PRO A 193 -15.89 2.08 18.49
N LEU A 194 -15.74 1.95 17.18
CA LEU A 194 -15.56 0.64 16.57
C LEU A 194 -14.31 0.63 15.75
N LEU A 195 -13.38 -0.26 16.08
CA LEU A 195 -12.10 -0.38 15.37
C LEU A 195 -11.86 -1.73 14.68
N ALA A 196 -11.17 -1.71 13.55
CA ALA A 196 -10.62 -2.95 12.99
C ALA A 196 -9.21 -2.74 12.44
N VAL A 197 -8.40 -3.79 12.55
CA VAL A 197 -7.01 -3.71 12.14
C VAL A 197 -6.60 -4.94 11.34
N MET A 198 -5.86 -4.71 10.26
CA MET A 198 -5.23 -5.77 9.48
C MET A 198 -3.74 -5.56 9.35
N LYS A 199 -2.96 -6.64 9.26
CA LYS A 199 -1.51 -6.52 9.06
C LYS A 199 -0.88 -7.74 8.44
N SER A 200 0.37 -7.58 8.01
CA SER A 200 1.19 -8.69 7.56
C SER A 200 2.04 -9.18 8.74
N PHE A 201 2.28 -10.47 8.82
CA PHE A 201 3.20 -11.00 9.84
C PHE A 201 4.63 -11.09 9.30
N THR A 202 4.81 -10.68 8.05
CA THR A 202 6.12 -10.80 7.42
C THR A 202 6.62 -9.48 6.82
N TYR A 203 5.83 -8.84 5.98
CA TYR A 203 6.31 -7.64 5.30
C TYR A 203 6.26 -6.43 6.22
N THR A 204 7.37 -5.70 6.25
CA THR A 204 7.56 -4.59 7.17
C THR A 204 7.76 -3.28 6.43
N ASN A 205 7.50 -2.15 7.10
CA ASN A 205 7.77 -0.86 6.48
C ASN A 205 9.23 -0.50 6.73
N SER A 206 9.59 0.77 6.50
CA SER A 206 11.00 1.14 6.53
C SER A 206 11.57 1.24 7.95
N LYS A 207 10.73 1.18 8.96
CA LYS A 207 11.25 1.17 10.32
C LYS A 207 11.11 -0.22 10.91
N SER A 208 11.00 -1.21 10.02
CA SER A 208 11.01 -2.65 10.39
C SER A 208 9.83 -3.09 11.26
N THR A 209 8.70 -2.42 11.09
CA THR A 209 7.49 -2.79 11.81
C THR A 209 6.57 -3.42 10.79
N GLU A 210 5.91 -4.53 11.17
CA GLU A 210 4.92 -5.17 10.32
C GLU A 210 4.02 -4.13 9.70
N VAL A 211 3.81 -4.20 8.38
CA VAL A 211 2.87 -3.30 7.73
C VAL A 211 1.48 -3.48 8.34
N THR A 212 0.97 -2.43 8.98
CA THR A 212 -0.27 -2.53 9.72
C THR A 212 -1.23 -1.38 9.39
N SER A 213 -2.48 -1.72 9.14
CA SER A 213 -3.51 -0.75 8.80
C SER A 213 -4.71 -0.81 9.73
N LEU A 214 -5.45 0.29 9.77
CA LEU A 214 -6.57 0.43 10.69
C LEU A 214 -7.72 1.18 10.05
N GLY A 215 -8.94 0.89 10.48
CA GLY A 215 -10.09 1.70 10.14
C GLY A 215 -10.97 1.82 11.37
N ALA A 216 -11.54 3.00 11.59
CA ALA A 216 -12.45 3.18 12.73
C ALA A 216 -13.53 4.22 12.48
N ARG A 217 -14.58 4.14 13.27
CA ARG A 217 -15.73 5.02 13.15
C ARG A 217 -16.29 5.19 14.53
N GLU A 218 -16.88 6.35 14.82
CA GLU A 218 -17.55 6.49 16.09
C GLU A 218 -19.04 6.39 15.85
N ILE A 219 -19.68 5.50 16.57
CA ILE A 219 -21.12 5.41 16.54
C ILE A 219 -21.67 6.15 17.75
N THR A 220 -22.56 7.10 17.51
CA THR A 220 -23.21 7.81 18.59
C THR A 220 -24.62 7.31 18.71
N LEU A 221 -25.04 7.02 19.94
CA LEU A 221 -26.42 6.66 20.21
C LEU A 221 -27.16 7.90 20.70
N GLU A 222 -28.10 8.36 19.88
CA GLU A 222 -28.70 9.69 19.97
C GLU A 222 -29.43 9.92 21.29
N GLN B 24 -42.34 -18.49 -17.22
CA GLN B 24 -41.35 -19.53 -16.96
C GLN B 24 -41.97 -20.89 -16.64
N SER B 25 -41.12 -21.88 -16.41
CA SER B 25 -41.56 -23.25 -16.16
C SER B 25 -41.30 -23.66 -14.71
N PRO B 26 -41.85 -24.81 -14.28
CA PRO B 26 -41.51 -25.31 -12.94
C PRO B 26 -40.00 -25.54 -12.74
N LEU B 27 -39.52 -25.38 -11.52
CA LEU B 27 -38.11 -25.53 -11.26
C LEU B 27 -37.69 -26.99 -11.22
N ILE B 28 -36.62 -27.31 -11.94
CA ILE B 28 -36.03 -28.63 -11.88
C ILE B 28 -34.87 -28.60 -10.90
N GLN B 29 -34.83 -29.56 -9.99
CA GLN B 29 -33.74 -29.65 -9.03
C GLN B 29 -33.31 -31.09 -8.87
N THR B 30 -32.09 -31.39 -9.29
CA THR B 30 -31.57 -32.75 -9.22
C THR B 30 -30.15 -32.79 -8.64
N SER B 31 -29.79 -33.96 -8.11
CA SER B 31 -28.48 -34.15 -7.49
C SER B 31 -28.12 -35.62 -7.34
N ASN B 32 -26.83 -35.89 -7.18
CA ASN B 32 -26.38 -37.25 -6.94
C ASN B 32 -26.19 -37.50 -5.46
N ALA B 33 -26.60 -36.55 -4.63
CA ALA B 33 -26.59 -36.74 -3.18
C ALA B 33 -27.44 -37.95 -2.81
N ASP B 34 -26.89 -38.87 -2.01
CA ASP B 34 -27.62 -40.06 -1.61
C ASP B 34 -27.55 -40.33 -0.11
N TYR B 35 -27.90 -41.57 0.28
CA TYR B 35 -28.03 -41.95 1.68
C TYR B 35 -26.78 -41.58 2.44
N LYS B 36 -25.65 -41.56 1.73
CA LYS B 36 -24.38 -41.38 2.39
C LYS B 36 -24.27 -39.99 3.02
N SER B 37 -25.08 -39.06 2.52
CA SER B 37 -25.07 -37.70 3.03
C SER B 37 -26.15 -37.50 4.09
N GLY B 38 -26.77 -38.60 4.52
CA GLY B 38 -27.68 -38.59 5.66
C GLY B 38 -28.77 -37.55 5.62
N LYS B 39 -28.89 -36.76 6.69
CA LYS B 39 -30.00 -35.82 6.78
C LYS B 39 -29.75 -34.51 6.03
N ASP B 40 -28.66 -34.47 5.25
CA ASP B 40 -28.40 -33.35 4.36
C ASP B 40 -28.90 -33.61 2.93
N GLN B 41 -29.27 -34.86 2.68
CA GLN B 41 -29.61 -35.30 1.33
C GLN B 41 -30.64 -34.45 0.61
N GLU B 42 -31.81 -34.24 1.22
CA GLU B 42 -32.81 -33.44 0.51
C GLU B 42 -32.32 -32.00 0.33
N LYS B 43 -31.72 -31.43 1.37
CA LYS B 43 -31.17 -30.09 1.28
C LYS B 43 -30.20 -29.95 0.13
N LEU B 44 -29.31 -30.93 -0.03
CA LEU B 44 -28.32 -30.94 -1.12
C LEU B 44 -29.01 -30.95 -2.49
N ARG B 45 -29.98 -31.85 -2.64
CA ARG B 45 -30.77 -31.93 -3.87
C ARG B 45 -31.44 -30.61 -4.27
N THR B 46 -31.89 -29.85 -3.30
CA THR B 46 -32.60 -28.62 -3.63
C THR B 46 -31.77 -27.33 -3.44
N SER B 47 -30.45 -27.43 -3.42
CA SER B 47 -29.60 -26.26 -3.19
C SER B 47 -29.52 -25.24 -4.31
N VAL B 48 -29.90 -25.56 -5.55
CA VAL B 48 -29.77 -24.56 -6.63
C VAL B 48 -31.12 -24.00 -7.05
N SER B 49 -31.21 -22.69 -7.23
CA SER B 49 -32.46 -22.10 -7.69
C SER B 49 -32.26 -21.12 -8.85
N ILE B 50 -33.18 -21.17 -9.80
CA ILE B 50 -33.15 -20.22 -10.90
C ILE B 50 -34.45 -19.45 -10.99
N ASN B 51 -34.35 -18.12 -10.94
CA ASN B 51 -35.52 -17.24 -11.06
C ASN B 51 -35.32 -16.20 -12.15
N LEU B 52 -36.33 -16.07 -13.00
CA LEU B 52 -36.35 -15.06 -14.05
C LEU B 52 -36.62 -13.68 -13.46
N LEU B 53 -35.86 -12.70 -13.90
CA LEU B 53 -35.95 -11.35 -13.34
C LEU B 53 -36.56 -10.37 -14.35
N LYS B 54 -36.15 -10.49 -15.60
CA LYS B 54 -36.73 -9.72 -16.69
C LYS B 54 -36.59 -10.56 -17.95
N ALA B 55 -37.51 -10.39 -18.89
CA ALA B 55 -37.41 -10.99 -20.22
C ALA B 55 -37.93 -9.97 -21.22
N GLU B 56 -37.22 -8.86 -21.32
CA GLU B 56 -37.72 -7.67 -21.99
C GLU B 56 -36.70 -7.05 -22.93
N GLU B 57 -37.15 -6.72 -24.15
CA GLU B 57 -36.34 -5.97 -25.13
C GLU B 57 -35.04 -6.67 -25.50
N GLY B 58 -35.16 -7.85 -26.12
CA GLY B 58 -34.00 -8.59 -26.62
C GLY B 58 -33.01 -9.02 -25.55
N GLN B 59 -33.48 -9.04 -24.31
CA GLN B 59 -32.62 -9.28 -23.18
C GLN B 59 -33.30 -10.22 -22.22
N ILE B 60 -32.52 -11.08 -21.58
CA ILE B 60 -33.04 -11.99 -20.55
C ILE B 60 -32.17 -11.84 -19.32
N GLN B 61 -32.80 -11.70 -18.15
CA GLN B 61 -32.04 -11.59 -16.91
C GLN B 61 -32.56 -12.52 -15.82
N TRP B 62 -31.65 -13.18 -15.13
CA TRP B 62 -32.06 -14.14 -14.13
C TRP B 62 -31.10 -14.13 -12.96
N LYS B 63 -31.59 -14.53 -11.80
CA LYS B 63 -30.71 -14.72 -10.66
C LYS B 63 -30.61 -16.21 -10.39
N VAL B 64 -29.41 -16.62 -9.97
CA VAL B 64 -29.09 -17.98 -9.61
C VAL B 64 -28.76 -18.03 -8.14
N THR B 65 -29.41 -18.89 -7.38
CA THR B 65 -29.17 -18.94 -5.93
C THR B 65 -28.63 -20.29 -5.47
N PHE B 66 -27.42 -20.30 -4.93
CA PHE B 66 -26.87 -21.53 -4.35
C PHE B 66 -26.98 -21.53 -2.81
N ASP B 67 -27.73 -22.47 -2.26
CA ASP B 67 -27.75 -22.70 -0.81
C ASP B 67 -26.52 -23.53 -0.42
N THR B 68 -25.53 -22.88 0.19
CA THR B 68 -24.26 -23.51 0.45
C THR B 68 -24.13 -24.12 1.86
N SER B 69 -25.23 -24.06 2.62
CA SER B 69 -25.27 -24.47 4.03
C SER B 69 -24.54 -25.75 4.40
N GLU B 70 -24.89 -26.85 3.76
CA GLU B 70 -24.34 -28.12 4.19
C GLU B 70 -23.28 -28.66 3.23
N TRP B 71 -22.72 -27.79 2.40
CA TRP B 71 -21.73 -28.23 1.44
C TRP B 71 -20.31 -28.23 1.99
N SER B 72 -20.15 -27.77 3.23
CA SER B 72 -18.84 -27.72 3.86
C SER B 72 -17.75 -27.04 3.02
N PHE B 73 -18.12 -26.01 2.27
CA PHE B 73 -17.20 -25.38 1.33
C PHE B 73 -16.02 -24.69 1.99
N ASN B 74 -16.17 -24.37 3.26
CA ASN B 74 -15.11 -23.70 4.00
C ASN B 74 -14.10 -24.69 4.55
N VAL B 75 -14.44 -25.98 4.52
CA VAL B 75 -13.49 -27.00 4.89
C VAL B 75 -12.83 -27.51 3.61
N LYS B 76 -13.65 -27.89 2.64
CA LYS B 76 -13.15 -28.24 1.29
C LYS B 76 -13.93 -27.46 0.22
N HIS B 77 -13.23 -26.80 -0.69
CA HIS B 77 -13.87 -25.83 -1.59
C HIS B 77 -14.68 -26.48 -2.70
N GLY B 78 -15.62 -25.70 -3.23
CA GLY B 78 -16.54 -26.17 -4.24
C GLY B 78 -16.45 -25.42 -5.55
N GLY B 79 -17.36 -25.72 -6.46
CA GLY B 79 -17.41 -25.07 -7.75
C GLY B 79 -18.83 -24.80 -8.23
N VAL B 80 -19.02 -23.72 -8.97
CA VAL B 80 -20.31 -23.46 -9.58
C VAL B 80 -20.15 -23.30 -11.08
N TYR B 81 -21.18 -23.72 -11.82
CA TYR B 81 -21.23 -23.55 -13.27
C TYR B 81 -22.48 -22.79 -13.66
N PHE B 82 -22.36 -21.99 -14.70
CA PHE B 82 -23.52 -21.38 -15.35
C PHE B 82 -23.56 -21.84 -16.79
N ILE B 83 -24.73 -22.32 -17.24
CA ILE B 83 -24.83 -22.87 -18.58
C ILE B 83 -25.86 -22.16 -19.43
N LEU B 84 -25.42 -21.69 -20.59
CA LEU B 84 -26.28 -20.86 -21.42
C LEU B 84 -26.66 -21.59 -22.72
N PRO B 85 -27.92 -21.39 -23.14
CA PRO B 85 -28.44 -22.00 -24.37
C PRO B 85 -27.98 -21.25 -25.62
N ASN B 86 -28.10 -21.87 -26.78
CA ASN B 86 -27.98 -21.15 -28.05
C ASN B 86 -28.91 -19.94 -28.07
N GLY B 87 -28.49 -18.86 -28.71
CA GLY B 87 -29.36 -17.70 -28.88
C GLY B 87 -29.31 -16.70 -27.73
N LEU B 88 -28.52 -17.03 -26.70
CA LEU B 88 -28.26 -16.15 -25.59
C LEU B 88 -26.79 -15.86 -25.46
N ASP B 89 -26.43 -14.59 -25.42
CA ASP B 89 -25.05 -14.26 -25.15
C ASP B 89 -24.96 -13.45 -23.86
N LEU B 90 -24.17 -13.98 -22.93
CA LEU B 90 -23.96 -13.35 -21.63
C LEU B 90 -23.33 -11.99 -21.82
N THR B 91 -23.99 -10.95 -21.31
CA THR B 91 -23.44 -9.59 -21.36
C THR B 91 -23.01 -9.09 -20.00
N LYS B 92 -23.56 -9.67 -18.94
CA LYS B 92 -23.20 -9.26 -17.60
C LYS B 92 -23.43 -10.39 -16.59
N ILE B 93 -22.46 -10.58 -15.70
CA ILE B 93 -22.69 -11.42 -14.56
C ILE B 93 -22.19 -10.73 -13.30
N VAL B 94 -23.07 -10.66 -12.32
CA VAL B 94 -22.73 -10.03 -11.05
C VAL B 94 -22.78 -11.07 -9.95
N ASP B 95 -21.87 -11.00 -8.98
CA ASP B 95 -21.80 -12.05 -7.95
C ASP B 95 -22.40 -11.60 -6.63
N ASN B 96 -22.12 -12.36 -5.58
CA ASN B 96 -22.81 -12.18 -4.32
C ASN B 96 -22.48 -10.86 -3.62
N ASN B 97 -21.34 -10.27 -3.94
CA ASN B 97 -21.03 -8.95 -3.40
C ASN B 97 -21.49 -7.85 -4.34
N GLN B 98 -22.31 -8.22 -5.32
CA GLN B 98 -22.78 -7.29 -6.34
C GLN B 98 -21.63 -6.75 -7.22
N HIS B 99 -20.51 -7.48 -7.25
CA HIS B 99 -19.41 -7.17 -8.15
C HIS B 99 -19.71 -7.64 -9.55
N ASP B 100 -19.23 -6.91 -10.55
CA ASP B 100 -19.34 -7.30 -11.95
C ASP B 100 -18.12 -8.14 -12.36
N ILE B 101 -18.28 -9.47 -12.42
CA ILE B 101 -17.17 -10.37 -12.78
C ILE B 101 -17.19 -10.77 -14.25
N THR B 102 -17.99 -10.09 -15.05
CA THR B 102 -18.13 -10.43 -16.45
C THR B 102 -16.79 -10.54 -17.16
N ALA B 103 -15.84 -9.67 -16.85
CA ALA B 103 -14.56 -9.67 -17.55
C ALA B 103 -13.54 -10.65 -16.98
N SER B 104 -13.92 -11.44 -15.98
CA SER B 104 -12.94 -12.38 -15.42
C SER B 104 -12.88 -13.62 -16.27
N PHE B 105 -13.91 -13.79 -17.10
CA PHE B 105 -14.04 -14.98 -17.91
C PHE B 105 -13.32 -14.81 -19.23
N PRO B 106 -12.52 -15.81 -19.59
CA PRO B 106 -11.95 -15.87 -20.93
C PRO B 106 -13.04 -15.89 -22.00
N THR B 107 -12.70 -15.51 -23.22
CA THR B 107 -13.63 -15.72 -24.33
C THR B 107 -13.09 -16.81 -25.29
N ASP B 108 -11.79 -17.05 -25.23
CA ASP B 108 -11.13 -18.09 -26.01
C ASP B 108 -10.83 -19.24 -25.06
N ILE B 109 -11.34 -20.44 -25.33
CA ILE B 109 -11.15 -21.55 -24.40
C ILE B 109 -9.71 -22.02 -24.29
N ASN B 110 -8.83 -21.46 -25.12
CA ASN B 110 -7.42 -21.83 -25.09
C ASN B 110 -6.56 -20.66 -24.64
N ASP B 111 -7.23 -19.56 -24.28
CA ASP B 111 -6.64 -18.48 -23.53
C ASP B 111 -5.73 -19.05 -22.44
N TYR B 112 -4.59 -18.42 -22.20
CA TYR B 112 -3.69 -18.92 -21.16
C TYR B 112 -4.33 -18.80 -19.77
N ARG B 113 -5.17 -17.80 -19.60
CA ARG B 113 -5.86 -17.63 -18.32
C ARG B 113 -7.02 -18.58 -18.13
N ASN B 114 -7.08 -19.66 -18.91
CA ASN B 114 -8.25 -20.51 -18.89
C ASN B 114 -7.93 -21.91 -18.45
N SER B 115 -6.74 -22.07 -17.89
CA SER B 115 -6.22 -23.34 -17.43
C SER B 115 -6.98 -23.83 -16.21
N GLY B 116 -6.58 -24.99 -15.72
CA GLY B 116 -7.32 -25.60 -14.62
C GLY B 116 -6.91 -25.09 -13.26
N GLN B 117 -6.01 -24.13 -13.21
CA GLN B 117 -5.62 -23.56 -11.93
C GLN B 117 -6.23 -22.16 -11.79
N GLU B 118 -6.88 -21.68 -12.83
CA GLU B 118 -7.48 -20.36 -12.83
C GLU B 118 -8.90 -20.46 -12.28
N LYS B 119 -9.25 -19.51 -11.43
CA LYS B 119 -10.54 -19.50 -10.72
C LYS B 119 -11.72 -19.36 -11.67
N TYR B 120 -11.56 -18.55 -12.70
CA TYR B 120 -12.64 -18.33 -13.66
C TYR B 120 -12.32 -18.98 -15.01
N ARG B 121 -13.22 -19.87 -15.47
CA ARG B 121 -13.02 -20.57 -16.73
C ARG B 121 -14.25 -20.55 -17.64
N PHE B 122 -14.02 -20.82 -18.92
CA PHE B 122 -15.06 -20.68 -19.94
C PHE B 122 -15.02 -21.83 -20.94
N PHE B 123 -16.18 -22.32 -21.35
CA PHE B 123 -16.23 -23.43 -22.31
C PHE B 123 -17.34 -23.20 -23.32
N SER B 124 -17.02 -23.50 -24.57
CA SER B 124 -17.87 -23.18 -25.70
C SER B 124 -17.96 -24.35 -26.66
N SER B 125 -19.18 -24.76 -26.97
CA SER B 125 -19.40 -25.88 -27.89
C SER B 125 -18.82 -25.60 -29.27
N LYS B 126 -18.75 -24.32 -29.66
CA LYS B 126 -18.15 -23.94 -30.93
C LYS B 126 -16.63 -24.14 -30.92
N GLN B 127 -15.99 -23.94 -29.77
CA GLN B 127 -14.52 -23.94 -29.76
C GLN B 127 -13.85 -25.28 -29.42
N GLY B 128 -14.59 -26.21 -28.80
CA GLY B 128 -14.00 -27.48 -28.41
C GLY B 128 -14.92 -28.41 -27.63
N LEU B 129 -15.05 -29.65 -28.10
CA LEU B 129 -15.96 -30.58 -27.46
C LEU B 129 -15.24 -31.52 -26.52
N ASP B 130 -14.11 -32.05 -26.95
CA ASP B 130 -13.41 -32.99 -26.09
C ASP B 130 -12.22 -32.35 -25.43
N ASN B 131 -11.43 -33.18 -24.75
CA ASN B 131 -10.32 -32.72 -23.92
C ASN B 131 -10.76 -32.03 -22.65
N GLU B 132 -9.80 -31.69 -21.80
CA GLU B 132 -10.08 -31.17 -20.48
C GLU B 132 -10.84 -29.85 -20.53
N ASN B 133 -10.66 -29.06 -21.59
CA ASN B 133 -11.40 -27.80 -21.70
C ASN B 133 -12.57 -27.89 -22.68
N GLY B 134 -12.97 -29.12 -23.00
CA GLY B 134 -14.09 -29.37 -23.87
C GLY B 134 -15.47 -29.18 -23.24
N PHE B 135 -16.41 -28.76 -24.07
CA PHE B 135 -17.75 -28.52 -23.62
C PHE B 135 -18.37 -29.84 -23.13
N ASN B 136 -18.06 -30.94 -23.81
CA ASN B 136 -18.59 -32.24 -23.41
C ASN B 136 -17.98 -32.76 -22.13
N SER B 137 -16.66 -32.63 -22.01
CA SER B 137 -15.98 -33.05 -20.81
C SER B 137 -16.56 -32.28 -19.65
N GLN B 138 -16.68 -30.97 -19.85
CA GLN B 138 -17.10 -30.09 -18.78
C GLN B 138 -18.59 -30.24 -18.51
N TRP B 139 -19.36 -30.66 -19.50
CA TRP B 139 -20.73 -31.05 -19.17
C TRP B 139 -20.73 -32.27 -18.26
N ASN B 140 -19.90 -33.27 -18.56
CA ASN B 140 -19.92 -34.49 -17.74
C ASN B 140 -19.51 -34.22 -16.29
N TRP B 141 -18.60 -33.29 -16.10
CA TRP B 141 -18.07 -33.00 -14.78
C TRP B 141 -18.96 -32.06 -13.99
N SER B 142 -19.95 -31.45 -14.64
CA SER B 142 -20.92 -30.67 -13.88
C SER B 142 -22.33 -31.29 -13.95
N ALA B 143 -23.18 -30.72 -14.79
CA ALA B 143 -24.57 -31.13 -14.93
C ALA B 143 -24.73 -32.63 -15.12
N GLY B 144 -23.82 -33.25 -15.88
CA GLY B 144 -23.79 -34.68 -16.07
C GLY B 144 -23.80 -35.45 -14.78
N GLN B 145 -23.12 -34.91 -13.76
CA GLN B 145 -22.98 -35.59 -12.47
C GLN B 145 -24.16 -35.37 -11.53
N ALA B 146 -25.07 -34.47 -11.87
CA ALA B 146 -26.12 -34.06 -10.91
C ALA B 146 -27.45 -34.82 -11.04
N ASN B 147 -27.37 -36.10 -11.42
CA ASN B 147 -28.54 -36.91 -11.77
C ASN B 147 -29.63 -36.18 -12.56
N PRO B 148 -29.25 -35.52 -13.66
CA PRO B 148 -30.25 -34.71 -14.35
C PRO B 148 -31.44 -35.50 -14.88
N SER B 149 -32.61 -34.89 -14.76
CA SER B 149 -33.84 -35.43 -15.30
C SER B 149 -33.79 -35.50 -16.83
N GLU B 150 -34.80 -36.13 -17.43
CA GLU B 150 -34.85 -36.27 -18.87
C GLU B 150 -34.80 -34.94 -19.61
N THR B 151 -35.53 -33.95 -19.11
CA THR B 151 -35.57 -32.64 -19.75
C THR B 151 -34.16 -32.03 -19.85
N VAL B 152 -33.41 -32.10 -18.76
CA VAL B 152 -32.13 -31.41 -18.75
C VAL B 152 -31.22 -32.18 -19.67
N ASN B 153 -31.32 -33.50 -19.63
CA ASN B 153 -30.61 -34.37 -20.57
C ASN B 153 -30.97 -34.12 -22.05
N SER B 154 -32.26 -33.94 -22.34
CA SER B 154 -32.72 -33.61 -23.70
C SER B 154 -32.07 -32.36 -24.26
N TRP B 155 -31.69 -31.45 -23.35
CA TRP B 155 -31.14 -30.16 -23.72
C TRP B 155 -29.71 -30.30 -24.20
N LYS B 156 -28.94 -31.05 -23.44
CA LYS B 156 -27.57 -31.38 -23.79
C LYS B 156 -27.50 -32.16 -25.09
N SER B 157 -28.11 -33.33 -25.12
CA SER B 157 -27.88 -34.21 -26.25
C SER B 157 -28.54 -33.64 -27.52
N GLY B 158 -29.56 -32.81 -27.33
CA GLY B 158 -30.17 -32.12 -28.44
C GLY B 158 -29.47 -30.82 -28.83
N ASN B 159 -28.21 -30.67 -28.44
CA ASN B 159 -27.40 -29.50 -28.80
C ASN B 159 -28.07 -28.12 -28.61
N ARG B 160 -28.83 -27.99 -27.53
CA ARG B 160 -29.51 -26.74 -27.22
C ARG B 160 -28.63 -25.83 -26.38
N LEU B 161 -27.51 -26.36 -25.91
CA LEU B 161 -26.61 -25.62 -25.02
C LEU B 161 -25.26 -25.38 -25.67
N SER B 162 -24.67 -24.21 -25.44
CA SER B 162 -23.44 -23.85 -26.13
C SER B 162 -22.33 -23.24 -25.26
N LYS B 163 -22.65 -22.62 -24.11
CA LYS B 163 -21.60 -22.02 -23.26
C LYS B 163 -21.70 -22.40 -21.78
N ILE B 164 -20.54 -22.65 -21.19
CA ILE B 164 -20.40 -22.91 -19.75
C ILE B 164 -19.46 -21.92 -19.06
N TYR B 165 -19.94 -21.30 -17.98
CA TYR B 165 -19.06 -20.48 -17.16
C TYR B 165 -18.78 -21.16 -15.82
N PHE B 166 -17.51 -21.26 -15.45
CA PHE B 166 -17.12 -21.93 -14.21
C PHE B 166 -16.36 -21.03 -13.21
N ILE B 167 -16.71 -21.14 -11.92
CA ILE B 167 -15.96 -20.44 -10.88
C ILE B 167 -15.41 -21.43 -9.86
N ASN B 168 -14.12 -21.33 -9.56
CA ASN B 168 -13.47 -22.22 -8.58
C ASN B 168 -13.30 -21.56 -7.21
N GLN B 169 -12.85 -22.35 -6.23
CA GLN B 169 -12.61 -21.85 -4.88
C GLN B 169 -13.86 -21.21 -4.29
N ILE B 170 -15.02 -21.84 -4.48
CA ILE B 170 -16.20 -21.38 -3.77
C ILE B 170 -16.08 -21.90 -2.35
N THR B 171 -16.17 -21.02 -1.36
CA THR B 171 -15.96 -21.44 0.03
C THR B 171 -17.04 -20.95 0.98
N ASP B 172 -18.13 -20.40 0.45
CA ASP B 172 -19.23 -19.85 1.26
C ASP B 172 -20.06 -20.93 1.97
N THR B 173 -20.76 -20.58 3.07
CA THR B 173 -21.54 -21.54 3.85
C THR B 173 -23.01 -21.17 4.16
N THR B 174 -23.55 -20.12 3.55
CA THR B 174 -24.98 -19.90 3.67
C THR B 174 -25.63 -19.75 2.28
N GLU B 175 -25.32 -18.68 1.57
CA GLU B 175 -26.02 -18.40 0.32
C GLU B 175 -25.17 -17.54 -0.61
N LEU B 176 -25.12 -17.92 -1.88
CA LEU B 176 -24.58 -17.06 -2.93
C LEU B 176 -25.68 -16.76 -3.95
N THR B 177 -25.79 -15.50 -4.37
CA THR B 177 -26.69 -15.15 -5.46
C THR B 177 -25.88 -14.51 -6.59
N TYR B 178 -26.13 -14.96 -7.82
CA TYR B 178 -25.53 -14.33 -8.99
C TYR B 178 -26.64 -13.77 -9.87
N THR B 179 -26.38 -12.66 -10.54
CA THR B 179 -27.34 -12.12 -11.49
C THR B 179 -26.73 -12.10 -12.88
N LEU B 180 -27.43 -12.70 -13.82
CA LEU B 180 -26.89 -12.89 -15.16
C LEU B 180 -27.73 -12.17 -16.18
N THR B 181 -27.09 -11.44 -17.07
CA THR B 181 -27.82 -10.75 -18.12
C THR B 181 -27.29 -11.16 -19.48
N ALA B 182 -28.16 -11.68 -20.32
CA ALA B 182 -27.73 -12.11 -21.64
C ALA B 182 -28.60 -11.49 -22.73
N LYS B 183 -28.00 -11.20 -23.88
CA LYS B 183 -28.79 -10.68 -25.00
C LYS B 183 -29.30 -11.82 -25.90
N VAL B 184 -30.55 -11.69 -26.34
CA VAL B 184 -31.10 -12.65 -27.27
C VAL B 184 -30.48 -12.41 -28.63
N THR B 185 -29.81 -13.42 -29.16
CA THR B 185 -29.18 -13.33 -30.48
C THR B 185 -29.91 -14.19 -31.49
N GLU B 186 -31.14 -14.56 -31.15
CA GLU B 186 -31.97 -15.41 -31.99
C GLU B 186 -33.46 -15.08 -31.79
N PRO B 187 -33.99 -14.18 -32.63
CA PRO B 187 -35.34 -13.63 -32.48
C PRO B 187 -36.46 -14.65 -32.67
N ASN B 188 -36.16 -15.77 -33.31
CA ASN B 188 -37.21 -16.77 -33.53
C ASN B 188 -37.23 -17.87 -32.48
N GLN B 189 -36.40 -17.73 -31.45
CA GLN B 189 -36.35 -18.70 -30.38
C GLN B 189 -37.47 -18.41 -29.37
N GLN B 190 -38.21 -19.44 -28.98
CA GLN B 190 -39.27 -19.28 -27.99
C GLN B 190 -38.95 -20.03 -26.68
N SER B 191 -37.86 -20.78 -26.71
CA SER B 191 -37.45 -21.57 -25.55
C SER B 191 -36.02 -21.25 -25.18
N PHE B 192 -35.84 -20.81 -23.94
CA PHE B 192 -34.51 -20.53 -23.45
C PHE B 192 -34.30 -21.26 -22.16
N PRO B 193 -33.60 -22.40 -22.20
CA PRO B 193 -33.25 -23.12 -20.98
C PRO B 193 -32.31 -22.28 -20.15
N LEU B 194 -32.39 -22.41 -18.83
CA LEU B 194 -31.39 -21.84 -17.95
C LEU B 194 -30.97 -22.90 -16.95
N LEU B 195 -29.67 -23.04 -16.77
CA LEU B 195 -29.09 -24.13 -15.99
C LEU B 195 -27.99 -23.65 -15.09
N ALA B 196 -27.98 -24.11 -13.84
CA ALA B 196 -26.82 -23.88 -12.97
C ALA B 196 -26.46 -25.13 -12.16
N VAL B 197 -25.17 -25.29 -11.86
CA VAL B 197 -24.63 -26.50 -11.21
C VAL B 197 -23.68 -26.12 -10.09
N MET B 198 -23.74 -26.84 -8.96
CA MET B 198 -22.76 -26.69 -7.87
C MET B 198 -22.22 -28.05 -7.40
N LYS B 199 -20.99 -28.08 -6.90
CA LYS B 199 -20.41 -29.34 -6.42
C LYS B 199 -19.21 -29.15 -5.51
N SER B 200 -19.02 -30.06 -4.56
CA SER B 200 -17.75 -30.18 -3.85
C SER B 200 -16.64 -30.70 -4.77
N PHE B 201 -15.39 -30.31 -4.52
CA PHE B 201 -14.27 -30.90 -5.26
C PHE B 201 -13.59 -32.00 -4.45
N THR B 202 -14.14 -32.33 -3.27
CA THR B 202 -13.56 -33.33 -2.36
C THR B 202 -14.58 -34.37 -1.87
N TYR B 203 -15.72 -33.92 -1.37
CA TYR B 203 -16.73 -34.83 -0.84
C TYR B 203 -17.52 -35.53 -1.95
N THR B 204 -17.88 -36.80 -1.71
CA THR B 204 -18.50 -37.65 -2.72
C THR B 204 -19.77 -38.34 -2.23
N ASN B 205 -20.47 -38.99 -3.16
CA ASN B 205 -21.56 -39.85 -2.75
C ASN B 205 -21.05 -41.28 -2.61
N SER B 206 -21.93 -42.20 -2.27
CA SER B 206 -21.52 -43.58 -2.07
C SER B 206 -20.94 -44.26 -3.32
N LYS B 207 -21.10 -43.63 -4.48
CA LYS B 207 -20.57 -44.23 -5.70
C LYS B 207 -19.28 -43.54 -6.10
N SER B 208 -18.63 -42.91 -5.11
CA SER B 208 -17.30 -42.31 -5.31
C SER B 208 -17.25 -41.09 -6.24
N THR B 209 -18.40 -40.53 -6.57
CA THR B 209 -18.52 -39.34 -7.43
C THR B 209 -18.77 -38.06 -6.62
N GLU B 210 -18.10 -36.97 -7.01
CA GLU B 210 -18.25 -35.67 -6.34
C GLU B 210 -19.72 -35.35 -6.11
N VAL B 211 -20.08 -34.94 -4.89
CA VAL B 211 -21.45 -34.51 -4.64
C VAL B 211 -21.77 -33.31 -5.53
N THR B 212 -22.88 -33.37 -6.26
CA THR B 212 -23.17 -32.39 -7.30
C THR B 212 -24.65 -32.13 -7.48
N SER B 213 -25.06 -30.87 -7.44
CA SER B 213 -26.46 -30.52 -7.59
C SER B 213 -26.71 -29.56 -8.73
N LEU B 214 -27.95 -29.52 -9.17
CA LEU B 214 -28.32 -28.84 -10.38
C LEU B 214 -29.64 -28.14 -10.21
N GLY B 215 -29.79 -27.03 -10.90
CA GLY B 215 -31.08 -26.35 -10.93
C GLY B 215 -31.32 -25.85 -12.33
N ALA B 216 -32.55 -26.01 -12.81
CA ALA B 216 -32.87 -25.58 -14.16
C ALA B 216 -34.32 -25.17 -14.35
N ARG B 217 -34.52 -24.31 -15.32
CA ARG B 217 -35.81 -23.73 -15.59
C ARG B 217 -35.87 -23.45 -17.07
N GLU B 218 -36.99 -23.74 -17.70
CA GLU B 218 -37.16 -23.30 -19.07
C GLU B 218 -37.90 -21.98 -19.10
N ILE B 219 -37.35 -21.03 -19.84
CA ILE B 219 -37.99 -19.73 -19.95
C ILE B 219 -38.51 -19.57 -21.37
N THR B 220 -39.77 -19.16 -21.45
CA THR B 220 -40.50 -19.08 -22.71
C THR B 220 -41.00 -17.69 -23.04
N LEU B 221 -40.72 -17.25 -24.27
CA LEU B 221 -41.24 -15.99 -24.78
C LEU B 221 -42.31 -16.23 -25.84
N GLN C 23 0.70 0.77 -31.09
CA GLN C 23 0.45 0.61 -29.66
C GLN C 23 1.73 0.64 -28.80
N GLN C 24 2.91 0.59 -29.44
CA GLN C 24 4.18 0.54 -28.70
C GLN C 24 5.13 1.72 -29.01
N SER C 25 6.11 1.94 -28.14
CA SER C 25 7.07 3.03 -28.27
C SER C 25 8.34 2.58 -29.02
N PRO C 26 9.29 3.50 -29.26
CA PRO C 26 10.49 3.02 -29.96
C PRO C 26 11.42 2.22 -29.03
N LEU C 27 12.18 1.29 -29.60
CA LEU C 27 12.98 0.40 -28.79
C LEU C 27 14.15 1.13 -28.18
N ILE C 28 14.36 0.89 -26.90
CA ILE C 28 15.45 1.48 -26.18
C ILE C 28 16.49 0.41 -25.97
N GLN C 29 17.73 0.70 -26.39
CA GLN C 29 18.83 -0.22 -26.16
C GLN C 29 20.00 0.51 -25.50
N THR C 30 20.38 0.00 -24.33
CA THR C 30 21.54 0.53 -23.62
C THR C 30 22.34 -0.66 -23.12
N SER C 31 23.61 -0.38 -22.80
CA SER C 31 24.60 -1.38 -22.45
C SER C 31 25.80 -0.70 -21.77
N ASN C 32 26.54 -1.42 -20.94
CA ASN C 32 27.74 -0.84 -20.38
C ASN C 32 28.96 -1.16 -21.24
N ALA C 33 28.73 -1.83 -22.37
CA ALA C 33 29.83 -2.22 -23.25
C ALA C 33 30.61 -0.98 -23.68
N ASP C 34 31.94 -1.05 -23.61
CA ASP C 34 32.77 0.11 -23.95
C ASP C 34 33.92 -0.23 -24.88
N TYR C 35 34.93 0.65 -24.93
CA TYR C 35 36.05 0.51 -25.85
C TYR C 35 36.73 -0.86 -25.70
N LYS C 36 36.78 -1.37 -24.48
CA LYS C 36 37.38 -2.67 -24.22
C LYS C 36 36.85 -3.77 -25.14
N SER C 37 35.61 -3.64 -25.58
CA SER C 37 35.01 -4.70 -26.36
C SER C 37 35.14 -4.46 -27.87
N GLY C 38 36.15 -3.67 -28.26
CA GLY C 38 36.52 -3.52 -29.66
C GLY C 38 35.38 -3.40 -30.65
N LYS C 39 35.45 -4.17 -31.73
CA LYS C 39 34.44 -4.08 -32.79
C LYS C 39 33.21 -4.92 -32.48
N ASP C 40 33.01 -5.20 -31.20
CA ASP C 40 31.78 -5.84 -30.75
C ASP C 40 30.88 -4.91 -29.91
N GLN C 41 31.37 -3.71 -29.61
CA GLN C 41 30.68 -2.75 -28.74
C GLN C 41 29.25 -2.47 -29.17
N GLU C 42 29.08 -2.14 -30.45
CA GLU C 42 27.76 -1.79 -30.94
C GLU C 42 26.81 -2.99 -30.98
N LYS C 43 27.31 -4.17 -31.36
CA LYS C 43 26.45 -5.36 -31.39
C LYS C 43 26.07 -5.80 -29.99
N LEU C 44 27.01 -5.66 -29.05
CA LEU C 44 26.70 -5.88 -27.66
C LEU C 44 25.61 -4.89 -27.24
N ARG C 45 25.75 -3.65 -27.68
CA ARG C 45 24.83 -2.61 -27.25
C ARG C 45 23.41 -2.91 -27.71
N THR C 46 23.27 -3.59 -28.84
CA THR C 46 21.98 -3.70 -29.51
C THR C 46 21.42 -5.12 -29.56
N SER C 47 21.89 -5.96 -28.65
CA SER C 47 21.52 -7.37 -28.64
C SER C 47 20.18 -7.70 -27.97
N VAL C 48 19.55 -6.74 -27.31
CA VAL C 48 18.29 -7.07 -26.66
C VAL C 48 17.15 -6.39 -27.44
N SER C 49 16.17 -7.16 -27.88
CA SER C 49 15.03 -6.47 -28.48
C SER C 49 13.70 -6.98 -27.95
N ILE C 50 12.75 -6.06 -27.86
CA ILE C 50 11.40 -6.38 -27.40
C ILE C 50 10.41 -5.93 -28.44
N ASN C 51 9.51 -6.83 -28.80
CA ASN C 51 8.47 -6.57 -29.78
C ASN C 51 7.11 -7.00 -29.27
N LEU C 52 6.13 -6.12 -29.37
CA LEU C 52 4.80 -6.45 -28.90
C LEU C 52 4.17 -7.49 -29.83
N LEU C 53 3.31 -8.34 -29.29
CA LEU C 53 2.54 -9.24 -30.13
C LEU C 53 1.06 -8.86 -30.03
N LYS C 54 0.54 -8.82 -28.80
CA LYS C 54 -0.87 -8.50 -28.57
C LYS C 54 -1.04 -7.57 -27.37
N ALA C 55 -1.83 -6.53 -27.53
CA ALA C 55 -2.24 -5.71 -26.39
C ALA C 55 -3.75 -5.50 -26.42
N GLU C 56 -4.50 -6.41 -25.78
CA GLU C 56 -5.94 -6.42 -25.92
C GLU C 56 -6.64 -7.30 -24.89
N GLU C 57 -7.93 -7.04 -24.67
CA GLU C 57 -8.77 -7.81 -23.75
C GLU C 57 -8.08 -8.12 -22.43
N GLY C 58 -7.39 -7.14 -21.87
CA GLY C 58 -6.69 -7.31 -20.61
C GLY C 58 -5.59 -8.35 -20.61
N GLN C 59 -5.06 -8.67 -21.79
CA GLN C 59 -3.94 -9.59 -21.90
C GLN C 59 -2.83 -8.90 -22.68
N ILE C 60 -1.58 -9.08 -22.27
CA ILE C 60 -0.46 -8.53 -23.03
C ILE C 60 0.60 -9.59 -23.30
N GLN C 61 1.02 -9.64 -24.56
CA GLN C 61 1.93 -10.68 -25.01
C GLN C 61 3.07 -10.06 -25.80
N TRP C 62 4.30 -10.48 -25.50
CA TRP C 62 5.45 -9.92 -26.19
C TRP C 62 6.61 -10.88 -26.30
N LYS C 63 7.48 -10.55 -27.24
CA LYS C 63 8.60 -11.41 -27.54
C LYS C 63 9.85 -10.66 -27.15
N VAL C 64 10.70 -11.37 -26.43
CA VAL C 64 12.03 -10.90 -26.06
C VAL C 64 13.05 -11.69 -26.87
N THR C 65 13.98 -10.99 -27.52
CA THR C 65 15.03 -11.68 -28.26
C THR C 65 16.41 -11.22 -27.85
N PHE C 66 17.20 -12.20 -27.42
CA PHE C 66 18.59 -12.00 -27.05
C PHE C 66 19.46 -12.49 -28.18
N ASP C 67 20.33 -11.65 -28.70
CA ASP C 67 21.31 -12.10 -29.67
C ASP C 67 22.59 -12.44 -28.91
N THR C 68 23.00 -13.70 -28.95
CA THR C 68 24.11 -14.09 -28.09
C THR C 68 25.42 -14.23 -28.83
N SER C 69 25.38 -13.88 -30.13
CA SER C 69 26.50 -13.97 -31.07
C SER C 69 27.91 -13.78 -30.51
N GLU C 70 28.13 -12.61 -29.92
CA GLU C 70 29.46 -12.19 -29.54
C GLU C 70 29.63 -12.21 -28.04
N TRP C 71 28.74 -12.91 -27.36
CA TRP C 71 28.73 -12.87 -25.91
C TRP C 71 29.59 -13.93 -25.22
N SER C 72 30.01 -14.93 -25.98
CA SER C 72 30.91 -15.99 -25.51
C SER C 72 30.32 -16.80 -24.35
N PHE C 73 29.01 -17.02 -24.38
CA PHE C 73 28.33 -17.68 -23.27
C PHE C 73 28.72 -19.16 -23.21
N ASN C 74 29.25 -19.65 -24.32
CA ASN C 74 29.63 -21.05 -24.46
C ASN C 74 31.04 -21.27 -23.96
N VAL C 75 31.64 -20.23 -23.40
CA VAL C 75 32.96 -20.28 -22.81
C VAL C 75 32.79 -19.93 -21.34
N LYS C 76 32.15 -18.79 -21.11
CA LYS C 76 31.82 -18.37 -19.76
C LYS C 76 30.35 -17.93 -19.78
N HIS C 77 29.54 -18.47 -18.85
CA HIS C 77 28.07 -18.42 -19.00
C HIS C 77 27.44 -17.06 -18.65
N GLY C 78 26.24 -16.85 -19.18
CA GLY C 78 25.50 -15.63 -18.95
C GLY C 78 24.17 -15.84 -18.26
N GLY C 79 23.50 -14.73 -17.97
CA GLY C 79 22.18 -14.75 -17.38
C GLY C 79 21.26 -13.81 -18.14
N VAL C 80 19.97 -14.10 -18.10
CA VAL C 80 18.97 -13.18 -18.62
C VAL C 80 18.02 -12.72 -17.52
N TYR C 81 17.30 -11.63 -17.80
CA TYR C 81 16.33 -11.04 -16.87
C TYR C 81 15.11 -10.48 -17.58
N PHE C 82 13.97 -10.79 -17.02
CA PHE C 82 12.72 -10.23 -17.50
C PHE C 82 12.15 -9.38 -16.38
N ILE C 83 11.93 -8.11 -16.68
CA ILE C 83 11.43 -7.17 -15.69
C ILE C 83 10.00 -6.78 -16.06
N LEU C 84 9.09 -6.93 -15.11
CA LEU C 84 7.67 -6.60 -15.33
C LEU C 84 7.24 -5.36 -14.53
N PRO C 85 6.30 -4.56 -15.08
CA PRO C 85 5.81 -3.36 -14.37
C PRO C 85 4.66 -3.69 -13.42
N ASN C 86 4.26 -2.72 -12.60
CA ASN C 86 3.02 -2.80 -11.84
C ASN C 86 1.84 -3.07 -12.76
N GLY C 87 0.86 -3.82 -12.27
CA GLY C 87 -0.33 -4.10 -13.05
C GLY C 87 -0.20 -5.21 -14.09
N LEU C 88 0.85 -6.04 -13.97
CA LEU C 88 1.00 -7.20 -14.85
C LEU C 88 1.41 -8.47 -14.09
N ASP C 89 0.50 -9.42 -14.05
CA ASP C 89 0.81 -10.74 -13.54
C ASP C 89 1.20 -11.61 -14.70
N LEU C 90 2.37 -12.20 -14.62
CA LEU C 90 2.79 -13.16 -15.63
C LEU C 90 1.77 -14.30 -15.63
N THR C 91 1.39 -14.71 -16.83
CA THR C 91 0.45 -15.80 -17.00
C THR C 91 1.18 -16.93 -17.73
N LYS C 92 2.07 -16.59 -18.65
CA LYS C 92 2.93 -17.62 -19.24
C LYS C 92 4.23 -17.08 -19.84
N ILE C 93 5.31 -17.84 -19.66
CA ILE C 93 6.59 -17.57 -20.30
C ILE C 93 7.09 -18.82 -21.02
N VAL C 94 7.32 -18.69 -22.31
CA VAL C 94 7.71 -19.83 -23.13
C VAL C 94 9.06 -19.52 -23.77
N ASP C 95 9.96 -20.51 -23.78
CA ASP C 95 11.31 -20.23 -24.28
C ASP C 95 11.47 -20.51 -25.77
N ASN C 96 12.73 -20.53 -26.16
CA ASN C 96 13.14 -20.76 -27.54
C ASN C 96 12.61 -22.06 -28.12
N ASN C 97 12.38 -23.05 -27.26
CA ASN C 97 12.03 -24.39 -27.73
C ASN C 97 10.55 -24.66 -27.62
N GLN C 98 9.79 -23.58 -27.52
CA GLN C 98 8.35 -23.63 -27.32
C GLN C 98 7.99 -24.44 -26.06
N HIS C 99 8.87 -24.45 -25.08
CA HIS C 99 8.58 -25.07 -23.80
C HIS C 99 8.19 -24.03 -22.76
N ASP C 100 7.19 -24.38 -21.97
CA ASP C 100 6.58 -23.46 -21.02
C ASP C 100 7.29 -23.53 -19.69
N ILE C 101 8.18 -22.59 -19.43
CA ILE C 101 8.95 -22.57 -18.20
C ILE C 101 8.28 -21.74 -17.10
N THR C 102 6.97 -21.60 -17.13
CA THR C 102 6.32 -20.75 -16.14
C THR C 102 6.43 -21.36 -14.74
N ALA C 103 6.09 -22.62 -14.60
CA ALA C 103 6.11 -23.26 -13.29
C ALA C 103 7.53 -23.44 -12.72
N SER C 104 8.52 -22.86 -13.37
CA SER C 104 9.90 -23.10 -12.99
C SER C 104 10.42 -22.01 -12.06
N PHE C 105 9.64 -20.95 -11.92
CA PHE C 105 10.04 -19.85 -11.05
C PHE C 105 9.32 -19.96 -9.72
N PRO C 106 10.06 -19.74 -8.62
CA PRO C 106 9.40 -19.67 -7.30
C PRO C 106 8.43 -18.52 -7.29
N THR C 107 7.51 -18.50 -6.33
CA THR C 107 6.65 -17.34 -6.17
C THR C 107 6.92 -16.70 -4.80
N ASP C 108 7.69 -17.41 -4.00
CA ASP C 108 8.15 -16.94 -2.71
C ASP C 108 9.64 -16.64 -2.84
N ILE C 109 10.08 -15.41 -2.58
CA ILE C 109 11.50 -15.12 -2.77
C ILE C 109 12.38 -15.88 -1.77
N ASN C 110 11.80 -16.40 -0.70
CA ASN C 110 12.59 -17.08 0.32
C ASN C 110 12.63 -18.59 0.19
N ASP C 111 11.86 -19.11 -0.75
CA ASP C 111 11.83 -20.53 -1.05
C ASP C 111 13.25 -21.10 -1.21
N TYR C 112 13.50 -22.32 -0.71
CA TYR C 112 14.85 -22.91 -0.80
C TYR C 112 15.32 -22.98 -2.25
N ARG C 113 14.37 -23.18 -3.15
CA ARG C 113 14.64 -23.19 -4.59
C ARG C 113 14.77 -21.82 -5.24
N ASN C 114 15.01 -20.77 -4.45
CA ASN C 114 15.23 -19.47 -5.05
C ASN C 114 16.58 -18.87 -4.70
N SER C 115 17.52 -19.72 -4.32
CA SER C 115 18.86 -19.30 -3.96
C SER C 115 19.71 -19.06 -5.20
N GLY C 116 20.81 -18.34 -5.02
CA GLY C 116 21.76 -18.07 -6.09
C GLY C 116 22.02 -19.25 -7.03
N GLN C 117 22.32 -20.39 -6.44
CA GLN C 117 22.72 -21.59 -7.20
C GLN C 117 21.59 -22.25 -7.98
N GLU C 118 20.41 -21.63 -7.97
CA GLU C 118 19.31 -22.07 -8.83
C GLU C 118 19.33 -21.38 -10.18
N LYS C 119 18.84 -22.08 -11.19
CA LYS C 119 18.81 -21.57 -12.57
C LYS C 119 17.70 -20.54 -12.75
N TYR C 120 16.51 -20.85 -12.25
CA TYR C 120 15.37 -19.95 -12.36
C TYR C 120 15.16 -19.26 -11.03
N ARG C 121 15.20 -17.93 -11.04
CA ARG C 121 14.95 -17.16 -9.83
C ARG C 121 13.90 -16.07 -10.02
N PHE C 122 13.27 -15.73 -8.89
CA PHE C 122 12.22 -14.73 -8.84
C PHE C 122 12.54 -13.68 -7.80
N PHE C 123 12.22 -12.42 -8.13
CA PHE C 123 12.39 -11.32 -7.22
C PHE C 123 11.18 -10.41 -7.36
N SER C 124 10.79 -9.74 -6.28
CA SER C 124 9.52 -9.03 -6.24
C SER C 124 9.55 -7.86 -5.28
N SER C 125 9.12 -6.70 -5.73
CA SER C 125 9.19 -5.52 -4.87
C SER C 125 8.22 -5.58 -3.68
N LYS C 126 7.11 -6.30 -3.81
CA LYS C 126 6.19 -6.42 -2.67
C LYS C 126 6.80 -7.25 -1.57
N GLN C 127 7.78 -8.09 -1.91
CA GLN C 127 8.29 -9.06 -0.95
C GLN C 127 9.61 -8.63 -0.31
N GLY C 128 10.44 -7.87 -1.03
CA GLY C 128 11.75 -7.53 -0.54
C GLY C 128 12.61 -6.72 -1.48
N LEU C 129 13.21 -5.65 -0.97
CA LEU C 129 13.98 -4.71 -1.76
C LEU C 129 15.48 -4.91 -1.59
N ASP C 130 15.91 -5.05 -0.35
CA ASP C 130 17.31 -5.17 -0.07
C ASP C 130 17.64 -6.65 0.17
N ASN C 131 18.86 -6.94 0.64
CA ASN C 131 19.39 -8.30 0.75
C ASN C 131 19.70 -8.88 -0.64
N GLU C 132 20.27 -10.08 -0.69
CA GLU C 132 20.67 -10.67 -1.96
C GLU C 132 19.51 -10.99 -2.89
N ASN C 133 18.37 -11.38 -2.32
CA ASN C 133 17.20 -11.71 -3.14
C ASN C 133 16.25 -10.53 -3.22
N GLY C 134 16.81 -9.34 -3.04
CA GLY C 134 16.02 -8.13 -3.01
C GLY C 134 15.77 -7.58 -4.40
N PHE C 135 14.61 -6.93 -4.56
CA PHE C 135 14.26 -6.34 -5.83
C PHE C 135 15.27 -5.24 -6.23
N ASN C 136 15.65 -4.41 -5.26
CA ASN C 136 16.62 -3.34 -5.52
C ASN C 136 18.05 -3.84 -5.74
N SER C 137 18.48 -4.84 -4.98
CA SER C 137 19.78 -5.45 -5.24
C SER C 137 19.83 -6.07 -6.64
N GLN C 138 18.82 -6.86 -6.99
CA GLN C 138 18.84 -7.62 -8.23
C GLN C 138 18.57 -6.72 -9.43
N TRP C 139 17.88 -5.61 -9.22
CA TRP C 139 17.80 -4.61 -10.28
C TRP C 139 19.20 -4.06 -10.54
N ASN C 140 19.91 -3.70 -9.47
CA ASN C 140 21.22 -3.13 -9.59
C ASN C 140 22.21 -4.02 -10.33
N TRP C 141 22.20 -5.33 -10.05
CA TRP C 141 23.07 -6.27 -10.76
C TRP C 141 22.49 -6.64 -12.14
N SER C 142 21.43 -5.95 -12.50
CA SER C 142 20.71 -6.21 -13.73
C SER C 142 20.63 -4.93 -14.57
N ALA C 143 19.43 -4.41 -14.79
CA ALA C 143 19.22 -3.20 -15.60
C ALA C 143 20.04 -2.00 -15.09
N GLY C 144 20.46 -2.05 -13.84
CA GLY C 144 21.28 -1.01 -13.26
C GLY C 144 22.67 -0.91 -13.86
N GLN C 145 23.26 -2.04 -14.22
CA GLN C 145 24.59 -2.04 -14.83
C GLN C 145 24.54 -1.80 -16.33
N ALA C 146 23.37 -1.68 -16.92
CA ALA C 146 23.32 -1.64 -18.39
C ALA C 146 23.33 -0.20 -18.93
N ASN C 147 23.89 0.72 -18.15
CA ASN C 147 23.87 2.16 -18.50
C ASN C 147 22.47 2.66 -18.85
N PRO C 148 21.48 2.38 -18.00
CA PRO C 148 20.12 2.73 -18.41
C PRO C 148 19.94 4.23 -18.70
N SER C 149 19.14 4.53 -19.72
CA SER C 149 18.73 5.91 -20.00
C SER C 149 17.84 6.48 -18.90
N GLU C 150 17.44 7.74 -19.04
CA GLU C 150 16.62 8.39 -18.02
C GLU C 150 15.20 7.83 -17.98
N THR C 151 14.61 7.61 -19.15
CA THR C 151 13.31 6.94 -19.24
C THR C 151 13.31 5.64 -18.44
N VAL C 152 14.31 4.78 -18.68
CA VAL C 152 14.40 3.52 -17.96
C VAL C 152 14.63 3.71 -16.46
N ASN C 153 15.59 4.56 -16.10
CA ASN C 153 15.82 4.90 -14.70
C ASN C 153 14.58 5.43 -14.02
N SER C 154 13.86 6.29 -14.74
CA SER C 154 12.67 6.95 -14.23
C SER C 154 11.68 5.93 -13.75
N TRP C 155 11.55 4.86 -14.54
CA TRP C 155 10.64 3.77 -14.20
C TRP C 155 11.04 3.08 -12.90
N LYS C 156 12.33 2.93 -12.69
CA LYS C 156 12.84 2.26 -11.50
C LYS C 156 12.57 3.10 -10.27
N SER C 157 13.07 4.32 -10.25
CA SER C 157 12.94 5.18 -9.09
C SER C 157 11.51 5.65 -8.91
N GLY C 158 10.74 5.62 -10.00
CA GLY C 158 9.34 6.02 -9.97
C GLY C 158 8.44 4.89 -9.52
N ASN C 159 9.06 3.78 -9.10
CA ASN C 159 8.35 2.62 -8.57
C ASN C 159 7.27 2.10 -9.46
N ARG C 160 7.56 2.01 -10.76
CA ARG C 160 6.55 1.56 -11.68
C ARG C 160 6.82 0.12 -12.07
N LEU C 161 7.88 -0.44 -11.51
CA LEU C 161 8.25 -1.82 -11.79
C LEU C 161 8.16 -2.65 -10.51
N SER C 162 7.95 -3.96 -10.62
CA SER C 162 7.71 -4.75 -9.41
C SER C 162 8.11 -6.21 -9.48
N LYS C 163 8.48 -6.73 -10.65
CA LYS C 163 8.83 -8.14 -10.73
C LYS C 163 10.00 -8.42 -11.66
N ILE C 164 10.88 -9.30 -11.21
CA ILE C 164 12.02 -9.76 -11.98
C ILE C 164 12.10 -11.30 -12.09
N TYR C 165 12.17 -11.82 -13.32
CA TYR C 165 12.39 -13.25 -13.49
C TYR C 165 13.77 -13.42 -14.05
N PHE C 166 14.51 -14.39 -13.53
CA PHE C 166 15.90 -14.55 -13.93
C PHE C 166 16.21 -15.99 -14.29
N ILE C 167 16.88 -16.17 -15.44
CA ILE C 167 17.41 -17.47 -15.83
C ILE C 167 18.94 -17.44 -15.84
N ASN C 168 19.55 -18.38 -15.14
CA ASN C 168 21.00 -18.48 -15.13
C ASN C 168 21.46 -19.50 -16.15
N GLN C 169 22.78 -19.64 -16.29
CA GLN C 169 23.39 -20.67 -17.13
C GLN C 169 22.99 -20.58 -18.59
N ILE C 170 22.97 -19.37 -19.13
CA ILE C 170 22.80 -19.20 -20.56
C ILE C 170 24.12 -19.49 -21.24
N THR C 171 24.09 -20.38 -22.22
CA THR C 171 25.32 -20.89 -22.84
C THR C 171 25.30 -20.76 -24.37
N ASP C 172 24.27 -20.09 -24.88
CA ASP C 172 24.01 -20.02 -26.31
C ASP C 172 24.95 -19.15 -27.14
N THR C 173 24.72 -19.18 -28.43
CA THR C 173 25.60 -18.54 -29.40
C THR C 173 24.76 -18.02 -30.55
N THR C 174 23.49 -18.40 -30.55
CA THR C 174 22.56 -17.91 -31.56
C THR C 174 21.46 -17.13 -30.86
N GLU C 175 20.39 -16.78 -31.58
CA GLU C 175 19.33 -15.95 -30.97
C GLU C 175 18.41 -16.73 -30.03
N LEU C 176 18.19 -16.18 -28.84
CA LEU C 176 17.19 -16.69 -27.90
C LEU C 176 15.89 -15.91 -27.99
N THR C 177 14.76 -16.59 -28.14
CA THR C 177 13.48 -15.88 -28.11
C THR C 177 12.53 -16.46 -27.06
N TYR C 178 12.09 -15.60 -26.15
CA TYR C 178 11.06 -15.94 -25.18
C TYR C 178 9.75 -15.29 -25.58
N THR C 179 8.62 -15.90 -25.25
CA THR C 179 7.36 -15.22 -25.44
C THR C 179 6.66 -15.17 -24.10
N LEU C 180 6.34 -13.94 -23.67
CA LEU C 180 5.73 -13.72 -22.37
C LEU C 180 4.28 -13.32 -22.53
N THR C 181 3.44 -13.79 -21.62
CA THR C 181 2.04 -13.39 -21.63
C THR C 181 1.66 -13.03 -20.21
N ALA C 182 1.03 -11.88 -20.05
CA ALA C 182 0.78 -11.34 -18.72
C ALA C 182 -0.60 -10.73 -18.62
N LYS C 183 -1.28 -10.94 -17.51
CA LYS C 183 -2.62 -10.37 -17.37
C LYS C 183 -2.53 -8.96 -16.81
N VAL C 184 -3.34 -8.07 -17.36
CA VAL C 184 -3.51 -6.74 -16.80
C VAL C 184 -4.34 -6.85 -15.53
N THR C 185 -3.86 -6.29 -14.43
CA THR C 185 -4.58 -6.42 -13.19
C THR C 185 -5.01 -5.08 -12.59
N GLU C 186 -4.70 -3.98 -13.28
CA GLU C 186 -5.37 -2.72 -12.96
C GLU C 186 -5.84 -2.01 -14.21
N PRO C 187 -7.17 -1.92 -14.36
CA PRO C 187 -7.85 -1.42 -15.56
C PRO C 187 -7.82 0.09 -15.72
N ASN C 188 -7.54 0.83 -14.65
CA ASN C 188 -7.27 2.24 -14.76
C ASN C 188 -6.10 2.43 -15.73
N GLN C 189 -5.05 1.63 -15.51
CA GLN C 189 -3.74 1.79 -16.13
C GLN C 189 -3.73 1.72 -17.66
N GLN C 190 -2.80 2.43 -18.27
CA GLN C 190 -2.62 2.37 -19.71
C GLN C 190 -1.18 2.10 -20.10
N SER C 191 -0.24 2.50 -19.25
CA SER C 191 1.19 2.40 -19.56
C SER C 191 1.90 1.20 -18.95
N PHE C 192 2.51 0.38 -19.81
CA PHE C 192 3.16 -0.84 -19.37
C PHE C 192 4.57 -1.00 -19.94
N PRO C 193 5.58 -0.52 -19.18
CA PRO C 193 7.00 -0.67 -19.54
C PRO C 193 7.43 -2.13 -19.60
N LEU C 194 8.22 -2.49 -20.61
CA LEU C 194 8.76 -3.84 -20.69
C LEU C 194 10.29 -3.79 -20.80
N LEU C 195 10.99 -4.52 -19.93
CA LEU C 195 12.46 -4.59 -19.95
C LEU C 195 13.00 -6.00 -20.01
N ALA C 196 14.04 -6.19 -20.81
CA ALA C 196 14.88 -7.37 -20.66
C ALA C 196 16.34 -6.98 -20.49
N VAL C 197 17.13 -7.88 -19.90
CA VAL C 197 18.53 -7.63 -19.64
C VAL C 197 19.30 -8.93 -19.80
N MET C 198 20.50 -8.84 -20.37
CA MET C 198 21.41 -9.97 -20.48
C MET C 198 22.81 -9.52 -20.04
N LYS C 199 23.62 -10.45 -19.56
CA LYS C 199 24.97 -10.11 -19.14
C LYS C 199 25.81 -11.37 -19.03
N SER C 200 27.13 -11.23 -19.22
CA SER C 200 28.03 -12.31 -18.87
C SER C 200 28.19 -12.35 -17.36
N PHE C 201 28.51 -13.51 -16.80
CA PHE C 201 28.85 -13.53 -15.39
C PHE C 201 30.37 -13.44 -15.20
N THR C 202 31.09 -13.26 -16.32
CA THR C 202 32.56 -13.34 -16.32
C THR C 202 33.27 -12.16 -17.01
N TYR C 203 32.87 -11.84 -18.24
CA TYR C 203 33.56 -10.78 -18.99
C TYR C 203 33.06 -9.40 -18.55
N THR C 204 33.99 -8.46 -18.43
CA THR C 204 33.68 -7.14 -17.87
C THR C 204 33.95 -6.02 -18.86
N ASN C 205 33.56 -4.80 -18.50
CA ASN C 205 33.99 -3.68 -19.32
C ASN C 205 35.21 -3.07 -18.65
N SER C 206 35.66 -1.92 -19.13
CA SER C 206 36.89 -1.32 -18.64
C SER C 206 36.76 -0.91 -17.17
N LYS C 207 35.52 -0.66 -16.73
CA LYS C 207 35.27 -0.32 -15.34
C LYS C 207 34.88 -1.51 -14.45
N SER C 208 35.53 -2.65 -14.68
CA SER C 208 35.40 -3.83 -13.81
C SER C 208 33.99 -4.38 -13.59
N THR C 209 33.07 -4.06 -14.50
CA THR C 209 31.68 -4.46 -14.38
C THR C 209 31.30 -5.49 -15.44
N GLU C 210 30.53 -6.50 -15.06
CA GLU C 210 29.99 -7.43 -16.05
C GLU C 210 29.34 -6.68 -17.21
N VAL C 211 29.73 -7.07 -18.41
CA VAL C 211 29.12 -6.58 -19.63
C VAL C 211 27.61 -6.87 -19.56
N THR C 212 26.82 -5.80 -19.70
CA THR C 212 25.39 -5.87 -19.45
C THR C 212 24.60 -5.04 -20.44
N SER C 213 23.71 -5.70 -21.17
CA SER C 213 22.88 -5.02 -22.16
C SER C 213 21.39 -5.12 -21.81
N LEU C 214 20.66 -4.07 -22.16
CA LEU C 214 19.27 -3.90 -21.80
C LEU C 214 18.45 -3.71 -23.06
N GLY C 215 17.18 -4.07 -23.00
CA GLY C 215 16.25 -3.76 -24.09
C GLY C 215 14.91 -3.41 -23.48
N ALA C 216 14.29 -2.33 -23.96
CA ALA C 216 13.06 -1.87 -23.32
C ALA C 216 12.11 -1.11 -24.23
N ARG C 217 10.82 -1.28 -23.96
CA ARG C 217 9.78 -0.73 -24.81
C ARG C 217 8.58 -0.33 -23.92
N GLU C 218 7.93 0.78 -24.20
CA GLU C 218 6.71 1.07 -23.45
C GLU C 218 5.44 0.82 -24.28
N ILE C 219 4.56 0.00 -23.70
CA ILE C 219 3.27 -0.31 -24.29
C ILE C 219 2.20 0.58 -23.70
N THR C 220 1.33 1.12 -24.55
CA THR C 220 0.20 1.93 -24.09
C THR C 220 -1.12 1.28 -24.45
N GLN D 23 -5.82 28.02 -8.11
CA GLN D 23 -4.62 27.52 -8.76
C GLN D 23 -3.78 26.65 -7.79
N GLN D 24 -4.41 26.16 -6.73
CA GLN D 24 -3.73 25.28 -5.77
C GLN D 24 -4.56 24.08 -5.31
N SER D 25 -3.91 22.92 -5.25
CA SER D 25 -4.53 21.69 -4.74
C SER D 25 -4.75 21.77 -3.22
N PRO D 26 -5.61 20.90 -2.66
CA PRO D 26 -5.82 20.94 -1.20
C PRO D 26 -4.54 20.67 -0.40
N LEU D 27 -4.41 21.38 0.73
CA LEU D 27 -3.28 21.27 1.63
C LEU D 27 -3.05 19.85 2.08
N ILE D 28 -1.77 19.45 2.16
CA ILE D 28 -1.38 18.15 2.70
C ILE D 28 -0.63 18.37 4.00
N GLN D 29 -1.06 17.68 5.04
CA GLN D 29 -0.41 17.81 6.31
C GLN D 29 -0.14 16.45 6.90
N THR D 30 1.12 16.14 7.17
CA THR D 30 1.46 14.90 7.86
C THR D 30 2.52 15.15 8.92
N SER D 31 2.75 14.12 9.73
CA SER D 31 3.70 14.19 10.82
C SER D 31 3.94 12.83 11.44
N ASN D 32 5.07 12.70 12.11
CA ASN D 32 5.40 11.48 12.82
C ASN D 32 5.03 11.58 14.32
N ALA D 33 4.47 12.73 14.69
CA ALA D 33 3.90 12.91 16.00
C ALA D 33 2.90 11.80 16.25
N ASP D 34 2.97 11.23 17.44
CA ASP D 34 2.19 10.05 17.81
C ASP D 34 1.76 10.12 19.28
N TYR D 35 1.42 8.97 19.83
CA TYR D 35 0.81 8.89 21.14
C TYR D 35 1.67 9.53 22.23
N LYS D 36 2.98 9.42 22.06
CA LYS D 36 3.92 9.97 23.03
C LYS D 36 3.71 11.47 23.26
N SER D 37 2.95 12.13 22.39
CA SER D 37 2.75 13.57 22.52
C SER D 37 1.34 13.94 23.03
N GLY D 38 0.55 12.94 23.40
CA GLY D 38 -0.70 13.18 24.08
C GLY D 38 -1.68 14.03 23.30
N LYS D 39 -2.31 14.99 23.97
CA LYS D 39 -3.33 15.82 23.31
C LYS D 39 -2.68 16.88 22.45
N ASP D 40 -1.40 16.71 22.14
CA ASP D 40 -0.75 17.60 21.18
C ASP D 40 -0.62 16.99 19.79
N GLN D 41 -0.94 15.71 19.66
CA GLN D 41 -0.67 14.95 18.43
C GLN D 41 -1.18 15.62 17.17
N GLU D 42 -2.47 15.93 17.16
CA GLU D 42 -3.11 16.47 15.99
C GLU D 42 -2.69 17.94 15.76
N LYS D 43 -2.40 18.63 16.86
CA LYS D 43 -2.00 20.02 16.75
C LYS D 43 -0.63 20.11 16.13
N LEU D 44 0.30 19.29 16.60
CA LEU D 44 1.59 19.12 15.96
C LEU D 44 1.43 18.81 14.48
N ARG D 45 0.62 17.79 14.16
CA ARG D 45 0.40 17.37 12.77
C ARG D 45 -0.04 18.48 11.82
N THR D 46 -0.82 19.43 12.34
CA THR D 46 -1.46 20.40 11.48
C THR D 46 -0.79 21.74 11.67
N SER D 47 0.51 21.69 11.93
CA SER D 47 1.30 22.87 12.27
C SER D 47 1.82 23.68 11.08
N VAL D 48 1.99 23.02 9.94
CA VAL D 48 2.50 23.67 8.74
C VAL D 48 1.37 23.91 7.76
N SER D 49 1.29 25.13 7.24
CA SER D 49 0.33 25.42 6.18
C SER D 49 1.06 26.13 5.06
N ILE D 50 0.51 26.05 3.86
CA ILE D 50 1.10 26.66 2.68
C ILE D 50 0.00 27.30 1.88
N ASN D 51 0.14 28.57 1.52
CA ASN D 51 -0.92 29.21 0.75
C ASN D 51 -0.40 30.03 -0.41
N LEU D 52 -1.14 29.96 -1.50
CA LEU D 52 -0.75 30.64 -2.72
C LEU D 52 -1.10 32.12 -2.63
N LEU D 53 -0.26 32.97 -3.22
CA LEU D 53 -0.45 34.41 -3.21
C LEU D 53 -0.48 34.99 -4.63
N LYS D 54 0.37 34.47 -5.51
CA LYS D 54 0.39 34.88 -6.92
C LYS D 54 0.90 33.75 -7.82
N ALA D 55 0.19 33.49 -8.91
CA ALA D 55 0.64 32.44 -9.85
C ALA D 55 0.97 33.00 -11.24
N GLY D 58 4.61 33.29 -15.28
CA GLY D 58 6.04 33.59 -15.17
C GLY D 58 6.60 33.66 -13.74
N GLN D 59 5.73 33.66 -12.74
CA GLN D 59 6.21 33.79 -11.37
C GLN D 59 5.24 33.17 -10.35
N ILE D 60 5.78 32.67 -9.24
CA ILE D 60 4.96 32.14 -8.16
C ILE D 60 5.40 32.71 -6.82
N GLN D 61 4.43 33.20 -6.06
CA GLN D 61 4.66 33.76 -4.74
C GLN D 61 3.76 33.06 -3.73
N TRP D 62 4.30 32.69 -2.58
CA TRP D 62 3.48 31.97 -1.60
C TRP D 62 3.91 32.22 -0.15
N LYS D 63 3.04 31.90 0.79
CA LYS D 63 3.44 32.03 2.18
C LYS D 63 3.41 30.69 2.91
N VAL D 64 4.32 30.56 3.87
CA VAL D 64 4.43 29.38 4.67
C VAL D 64 4.23 29.77 6.11
N THR D 65 3.32 29.11 6.79
CA THR D 65 3.07 29.43 8.18
C THR D 65 3.36 28.24 9.09
N PHE D 66 4.25 28.43 10.06
CA PHE D 66 4.54 27.42 11.04
C PHE D 66 3.93 27.80 12.37
N ASP D 67 2.93 27.05 12.83
CA ASP D 67 2.43 27.26 14.16
C ASP D 67 3.36 26.60 15.19
N THR D 68 4.13 27.41 15.91
CA THR D 68 5.13 26.87 16.82
C THR D 68 4.65 26.83 18.27
N SER D 69 3.35 27.03 18.45
CA SER D 69 2.71 27.00 19.76
C SER D 69 3.07 25.80 20.65
N GLU D 70 2.89 24.59 20.13
CA GLU D 70 3.02 23.40 20.95
C GLU D 70 4.39 22.76 20.88
N TRP D 71 5.29 23.35 20.11
CA TRP D 71 6.56 22.70 19.81
C TRP D 71 7.65 22.91 20.86
N SER D 72 7.42 23.86 21.78
CA SER D 72 8.38 24.19 22.82
C SER D 72 9.77 24.59 22.30
N PHE D 73 9.81 25.37 21.23
CA PHE D 73 11.10 25.73 20.64
C PHE D 73 11.93 26.64 21.55
N ASN D 74 11.25 27.29 22.49
CA ASN D 74 11.87 28.15 23.48
C ASN D 74 12.41 27.38 24.67
N VAL D 75 12.48 26.06 24.56
CA VAL D 75 13.11 25.23 25.58
C VAL D 75 14.20 24.45 24.89
N LYS D 76 13.84 23.81 23.78
CA LYS D 76 14.82 23.20 22.89
C LYS D 76 14.49 23.65 21.47
N HIS D 77 15.49 24.14 20.75
CA HIS D 77 15.23 24.80 19.48
C HIS D 77 14.83 23.80 18.40
N GLY D 78 14.24 24.34 17.33
CA GLY D 78 13.89 23.57 16.16
C GLY D 78 14.41 24.19 14.87
N GLY D 79 14.07 23.57 13.74
CA GLY D 79 14.41 24.08 12.43
C GLY D 79 13.21 24.09 11.50
N VAL D 80 13.26 24.92 10.48
CA VAL D 80 12.29 24.87 9.41
C VAL D 80 12.97 24.60 8.07
N TYR D 81 12.25 23.94 7.16
CA TYR D 81 12.72 23.69 5.81
C TYR D 81 11.69 24.22 4.82
N PHE D 82 12.19 24.72 3.70
CA PHE D 82 11.33 25.06 2.57
C PHE D 82 11.82 24.28 1.38
N ILE D 83 10.98 23.41 0.83
CA ILE D 83 11.38 22.62 -0.32
C ILE D 83 10.74 23.11 -1.63
N LEU D 84 11.59 23.33 -2.63
CA LEU D 84 11.15 23.87 -3.92
C LEU D 84 11.36 22.87 -5.06
N PRO D 85 10.40 22.81 -6.01
CA PRO D 85 10.39 21.84 -7.10
C PRO D 85 11.17 22.28 -8.34
N ASN D 86 11.43 21.34 -9.23
CA ASN D 86 12.00 21.65 -10.52
C ASN D 86 11.29 22.77 -11.23
N GLY D 87 12.08 23.65 -11.85
CA GLY D 87 11.52 24.70 -12.67
C GLY D 87 11.15 25.93 -11.88
N LEU D 88 11.53 25.98 -10.61
CA LEU D 88 11.31 27.19 -9.83
C LEU D 88 12.61 27.65 -9.20
N ASP D 89 12.92 28.92 -9.38
CA ASP D 89 14.11 29.48 -8.76
C ASP D 89 13.74 30.57 -7.79
N LEU D 90 14.17 30.39 -6.54
CA LEU D 90 13.92 31.32 -5.46
C LEU D 90 14.53 32.69 -5.74
N THR D 91 13.70 33.73 -5.68
CA THR D 91 14.21 35.10 -5.83
C THR D 91 14.15 35.89 -4.52
N LYS D 92 13.06 35.72 -3.76
CA LYS D 92 12.88 36.38 -2.46
C LYS D 92 12.40 35.41 -1.36
N ILE D 93 13.03 35.48 -0.19
CA ILE D 93 12.43 34.90 1.01
C ILE D 93 12.46 35.92 2.14
N VAL D 94 11.31 36.12 2.79
CA VAL D 94 11.21 37.13 3.83
C VAL D 94 10.63 36.54 5.11
N ASP D 95 11.27 36.81 6.24
CA ASP D 95 10.93 36.06 7.44
C ASP D 95 9.82 36.71 8.25
N ASN D 96 9.60 36.15 9.44
CA ASN D 96 8.55 36.61 10.33
C ASN D 96 8.73 38.06 10.74
N ASN D 97 9.98 38.42 11.00
CA ASN D 97 10.32 39.78 11.33
C ASN D 97 10.56 40.64 10.08
N GLN D 98 10.15 40.10 8.94
CA GLN D 98 10.17 40.80 7.66
C GLN D 98 11.58 41.25 7.18
N HIS D 99 12.64 40.61 7.67
CA HIS D 99 13.95 40.83 7.06
C HIS D 99 14.12 39.97 5.81
N ASP D 100 14.50 40.58 4.69
CA ASP D 100 14.87 39.82 3.49
C ASP D 100 16.11 38.97 3.72
N ILE D 101 15.92 37.69 3.95
CA ILE D 101 17.07 36.83 4.23
C ILE D 101 17.59 36.05 3.00
N THR D 102 17.20 36.47 1.80
CA THR D 102 17.58 35.78 0.57
C THR D 102 19.08 35.61 0.41
N ALA D 103 19.83 36.67 0.63
CA ALA D 103 21.27 36.61 0.38
C ALA D 103 22.00 35.93 1.54
N SER D 104 21.25 35.43 2.52
CA SER D 104 21.86 34.78 3.67
C SER D 104 22.07 33.28 3.43
N PHE D 105 21.46 32.76 2.36
CA PHE D 105 21.64 31.34 2.06
C PHE D 105 22.82 31.21 1.13
N PRO D 106 23.62 30.15 1.29
CA PRO D 106 24.69 29.95 0.30
C PRO D 106 24.09 29.53 -1.03
N THR D 107 24.85 29.66 -2.12
CA THR D 107 24.36 29.20 -3.41
C THR D 107 25.17 28.00 -3.82
N ASP D 108 26.35 27.88 -3.20
CA ASP D 108 27.28 26.78 -3.38
C ASP D 108 27.19 25.83 -2.18
N ILE D 109 26.67 24.62 -2.39
CA ILE D 109 26.43 23.75 -1.25
C ILE D 109 27.71 23.34 -0.52
N ASN D 110 28.85 23.39 -1.20
CA ASN D 110 30.11 23.00 -0.56
C ASN D 110 30.85 24.20 0.06
N ASP D 111 30.25 25.38 -0.03
CA ASP D 111 30.78 26.61 0.58
C ASP D 111 30.85 26.43 2.09
N TYR D 112 31.98 26.80 2.69
CA TYR D 112 32.19 26.59 4.13
C TYR D 112 31.09 27.24 4.95
N ARG D 113 30.52 28.33 4.45
CA ARG D 113 29.44 29.00 5.16
C ARG D 113 28.12 28.23 5.05
N ASN D 114 28.20 26.95 4.67
CA ASN D 114 27.02 26.10 4.54
C ASN D 114 27.09 24.88 5.42
N SER D 115 27.95 24.93 6.44
CA SER D 115 28.15 23.80 7.35
C SER D 115 27.03 23.70 8.40
N GLY D 116 27.01 22.59 9.14
CA GLY D 116 26.02 22.37 10.18
C GLY D 116 25.98 23.46 11.23
N GLN D 117 27.12 24.12 11.40
CA GLN D 117 27.27 25.21 12.36
C GLN D 117 26.38 26.41 12.02
N GLU D 118 26.17 26.65 10.74
CA GLU D 118 25.48 27.83 10.26
C GLU D 118 23.95 27.78 10.38
N LYS D 119 23.34 28.96 10.45
CA LYS D 119 21.92 29.08 10.68
C LYS D 119 21.10 28.95 9.39
N TYR D 120 21.63 29.48 8.28
CA TYR D 120 20.97 29.35 7.00
C TYR D 120 21.72 28.39 6.09
N ARG D 121 21.04 27.33 5.65
CA ARG D 121 21.69 26.32 4.83
C ARG D 121 20.87 26.05 3.59
N PHE D 122 21.55 25.65 2.53
CA PHE D 122 20.92 25.45 1.24
C PHE D 122 21.35 24.11 0.68
N PHE D 123 20.40 23.39 0.07
CA PHE D 123 20.71 22.11 -0.54
C PHE D 123 20.08 22.05 -1.92
N SER D 124 20.77 21.40 -2.84
CA SER D 124 20.35 21.36 -4.24
C SER D 124 20.60 19.98 -4.83
N SER D 125 19.67 19.49 -5.62
CA SER D 125 19.80 18.14 -6.15
C SER D 125 20.79 18.08 -7.31
N LYS D 126 21.01 19.22 -7.98
CA LYS D 126 21.99 19.26 -9.04
C LYS D 126 23.43 19.23 -8.54
N GLN D 127 23.64 19.70 -7.31
CA GLN D 127 24.99 19.87 -6.79
C GLN D 127 25.46 18.67 -5.98
N GLY D 128 24.50 17.96 -5.38
CA GLY D 128 24.83 16.80 -4.58
C GLY D 128 23.62 16.11 -4.00
N LEU D 129 23.63 14.79 -4.09
CA LEU D 129 22.58 13.98 -3.50
C LEU D 129 22.97 13.42 -2.15
N ASP D 130 24.22 12.98 -2.04
CA ASP D 130 24.62 12.24 -0.84
C ASP D 130 25.43 13.12 0.09
N ASN D 131 26.01 12.52 1.13
CA ASN D 131 26.73 13.23 2.17
C ASN D 131 25.81 14.17 2.97
N GLU D 132 26.34 14.87 3.97
CA GLU D 132 25.48 15.61 4.88
C GLU D 132 24.80 16.84 4.26
N ASN D 133 25.40 17.38 3.21
CA ASN D 133 24.79 18.50 2.52
C ASN D 133 24.11 18.09 1.23
N GLY D 134 23.84 16.79 1.09
CA GLY D 134 23.18 16.25 -0.09
C GLY D 134 21.67 16.36 -0.03
N PHE D 135 21.04 16.49 -1.20
CA PHE D 135 19.60 16.68 -1.24
C PHE D 135 18.87 15.49 -0.62
N ASN D 136 19.27 14.28 -0.99
CA ASN D 136 18.62 13.10 -0.45
C ASN D 136 18.65 13.01 1.07
N SER D 137 19.84 13.28 1.63
CA SER D 137 20.05 13.20 3.08
C SER D 137 19.16 14.18 3.83
N GLN D 138 19.19 15.44 3.39
CA GLN D 138 18.41 16.49 4.04
C GLN D 138 16.90 16.33 3.86
N TRP D 139 16.49 15.67 2.79
CA TRP D 139 15.11 15.27 2.61
C TRP D 139 14.73 14.26 3.68
N ASN D 140 15.56 13.24 3.85
CA ASN D 140 15.33 12.22 4.87
C ASN D 140 15.26 12.80 6.27
N TRP D 141 16.01 13.85 6.52
CA TRP D 141 16.03 14.44 7.84
C TRP D 141 14.93 15.49 8.01
N SER D 142 14.18 15.76 6.96
CA SER D 142 13.03 16.65 7.12
C SER D 142 11.73 15.98 6.69
N ALA D 143 11.26 16.31 5.48
CA ALA D 143 10.04 15.75 4.93
C ALA D 143 9.94 14.24 5.06
N GLY D 144 11.09 13.56 4.90
CA GLY D 144 11.16 12.11 5.04
C GLY D 144 10.75 11.64 6.43
N GLN D 145 11.08 12.42 7.44
CA GLN D 145 10.74 12.08 8.81
C GLN D 145 9.26 12.34 9.14
N ALA D 146 8.57 13.15 8.34
CA ALA D 146 7.21 13.53 8.72
C ALA D 146 6.11 12.59 8.25
N ASN D 147 6.40 11.29 8.19
CA ASN D 147 5.42 10.34 7.66
C ASN D 147 4.76 10.79 6.36
N PRO D 148 5.55 11.24 5.37
CA PRO D 148 4.91 11.71 4.14
C PRO D 148 3.95 10.70 3.51
N SER D 149 2.94 11.20 2.84
CA SER D 149 1.95 10.39 2.16
C SER D 149 2.53 9.79 0.86
N GLU D 150 1.79 8.92 0.20
CA GLU D 150 2.25 8.44 -1.10
C GLU D 150 2.38 9.60 -2.11
N THR D 151 1.51 10.60 -2.04
CA THR D 151 1.55 11.70 -3.00
C THR D 151 2.85 12.47 -2.89
N VAL D 152 3.26 12.77 -1.67
CA VAL D 152 4.50 13.50 -1.44
C VAL D 152 5.71 12.62 -1.83
N ASN D 153 5.61 11.33 -1.57
CA ASN D 153 6.66 10.39 -1.95
C ASN D 153 6.79 10.24 -3.48
N SER D 154 5.72 10.50 -4.21
CA SER D 154 5.78 10.43 -5.67
C SER D 154 6.62 11.59 -6.17
N TRP D 155 6.36 12.76 -5.61
CA TRP D 155 7.14 13.95 -5.89
C TRP D 155 8.64 13.75 -5.68
N LYS D 156 9.03 13.07 -4.60
CA LYS D 156 10.43 12.80 -4.32
C LYS D 156 11.03 11.75 -5.25
N SER D 157 10.38 10.60 -5.30
CA SER D 157 10.85 9.45 -6.06
C SER D 157 10.78 9.73 -7.56
N GLY D 158 9.88 10.64 -7.94
CA GLY D 158 9.70 11.02 -9.33
C GLY D 158 10.63 12.14 -9.72
N ASN D 159 11.58 12.45 -8.84
CA ASN D 159 12.57 13.51 -9.02
C ASN D 159 11.95 14.85 -9.40
N ARG D 160 10.92 15.28 -8.69
CA ARG D 160 10.27 16.50 -9.09
C ARG D 160 10.69 17.64 -8.19
N LEU D 161 11.36 17.33 -7.09
CA LEU D 161 11.88 18.35 -6.19
C LEU D 161 13.37 18.52 -6.41
N SER D 162 13.95 19.64 -6.02
CA SER D 162 15.38 19.84 -6.31
C SER D 162 16.10 20.84 -5.40
N LYS D 163 15.34 21.61 -4.64
CA LYS D 163 15.94 22.59 -3.73
C LYS D 163 15.32 22.58 -2.34
N ILE D 164 16.17 22.71 -1.32
CA ILE D 164 15.77 22.80 0.08
C ILE D 164 16.50 23.96 0.79
N TYR D 165 15.74 24.88 1.35
CA TYR D 165 16.32 25.95 2.16
C TYR D 165 15.99 25.70 3.64
N PHE D 166 16.95 25.90 4.52
CA PHE D 166 16.80 25.51 5.91
C PHE D 166 17.28 26.56 6.90
N ILE D 167 16.43 26.89 7.88
CA ILE D 167 16.85 27.78 8.94
C ILE D 167 16.90 27.01 10.24
N ASN D 168 18.05 27.05 10.89
CA ASN D 168 18.21 26.46 12.20
C ASN D 168 17.97 27.50 13.30
N GLN D 169 17.98 27.04 14.55
CA GLN D 169 17.81 27.87 15.74
C GLN D 169 16.48 28.61 15.82
N ILE D 170 15.39 27.89 15.60
CA ILE D 170 14.07 28.47 15.79
C ILE D 170 13.65 28.32 17.26
N THR D 171 13.28 29.44 17.88
CA THR D 171 13.06 29.47 19.33
C THR D 171 11.72 30.07 19.68
N ASP D 172 11.02 30.55 18.66
CA ASP D 172 9.77 31.25 18.85
C ASP D 172 8.66 30.36 19.34
N THR D 173 7.60 30.97 19.83
CA THR D 173 6.47 30.24 20.39
C THR D 173 5.16 30.69 19.73
N THR D 174 5.28 31.44 18.64
CA THR D 174 4.12 32.05 18.03
C THR D 174 3.97 31.55 16.61
N GLU D 175 3.01 32.07 15.87
CA GLU D 175 2.86 31.70 14.47
C GLU D 175 3.89 32.40 13.60
N LEU D 176 4.82 31.64 13.01
CA LEU D 176 5.84 32.21 12.14
C LEU D 176 5.39 32.15 10.68
N THR D 177 5.71 33.19 9.95
CA THR D 177 5.20 33.30 8.60
C THR D 177 6.25 33.83 7.66
N TYR D 178 6.49 33.06 6.61
CA TYR D 178 7.48 33.41 5.62
C TYR D 178 6.78 33.67 4.30
N THR D 179 7.28 34.64 3.56
CA THR D 179 6.77 34.93 2.24
C THR D 179 7.87 34.60 1.26
N LEU D 180 7.54 33.79 0.27
CA LEU D 180 8.52 33.27 -0.68
C LEU D 180 8.15 33.58 -2.12
N THR D 181 9.07 34.16 -2.86
CA THR D 181 8.84 34.43 -4.27
C THR D 181 9.86 33.71 -5.11
N ALA D 182 9.39 32.94 -6.08
CA ALA D 182 10.29 32.32 -7.03
C ALA D 182 9.86 32.65 -8.45
N LYS D 183 10.83 32.67 -9.35
CA LYS D 183 10.50 32.85 -10.75
C LYS D 183 10.40 31.49 -11.44
N VAL D 184 9.39 31.34 -12.29
CA VAL D 184 9.23 30.14 -13.08
C VAL D 184 10.23 30.09 -14.21
N THR D 185 11.33 29.38 -14.03
CA THR D 185 12.14 28.91 -15.15
C THR D 185 11.34 27.77 -15.76
N GLU D 186 11.77 27.23 -16.89
CA GLU D 186 11.10 26.07 -17.47
C GLU D 186 9.60 26.31 -17.74
N PRO D 187 9.26 26.69 -18.98
CA PRO D 187 7.88 26.92 -19.43
C PRO D 187 6.93 25.80 -19.04
N GLN D 189 5.80 23.21 -18.17
CA GLN D 189 5.63 22.64 -16.84
C GLN D 189 4.51 23.35 -16.11
N GLN D 190 3.54 22.58 -15.64
CA GLN D 190 2.32 23.18 -15.11
C GLN D 190 2.10 22.84 -13.64
N SER D 191 2.81 21.84 -13.14
CA SER D 191 2.65 21.43 -11.76
C SER D 191 3.86 21.88 -10.96
N PHE D 192 3.59 22.54 -9.84
CA PHE D 192 4.64 22.98 -8.94
C PHE D 192 4.33 22.58 -7.50
N PRO D 193 4.86 21.43 -7.06
CA PRO D 193 4.70 21.01 -5.67
C PRO D 193 5.41 22.00 -4.75
N LEU D 194 4.81 22.35 -3.63
CA LEU D 194 5.49 23.19 -2.64
C LEU D 194 5.40 22.52 -1.29
N LEU D 195 6.52 22.43 -0.59
CA LEU D 195 6.49 21.85 0.74
C LEU D 195 7.19 22.73 1.73
N ALA D 196 6.84 22.55 2.99
CA ALA D 196 7.69 23.06 4.07
C ALA D 196 7.65 22.09 5.23
N VAL D 197 8.74 22.02 5.98
CA VAL D 197 8.85 21.14 7.13
C VAL D 197 9.37 21.88 8.35
N MET D 198 8.80 21.58 9.51
CA MET D 198 9.33 22.06 10.78
C MET D 198 9.66 20.88 11.71
N LYS D 199 10.64 21.04 12.59
CA LYS D 199 10.95 19.95 13.50
C LYS D 199 11.70 20.41 14.75
N SER D 200 11.49 19.71 15.86
CA SER D 200 12.32 19.91 17.04
C SER D 200 13.66 19.19 16.85
N PHE D 201 14.72 19.71 17.44
CA PHE D 201 16.00 19.04 17.37
C PHE D 201 16.27 18.18 18.59
N THR D 202 15.30 18.14 19.50
CA THR D 202 15.47 17.40 20.74
C THR D 202 14.35 16.40 20.95
N TYR D 203 13.12 16.91 20.90
CA TYR D 203 11.99 16.10 21.29
C TYR D 203 11.65 15.03 20.24
N THR D 204 11.54 13.80 20.72
CA THR D 204 11.29 12.67 19.84
C THR D 204 9.91 12.08 20.06
N ASN D 205 9.49 11.23 19.11
CA ASN D 205 8.33 10.41 19.34
C ASN D 205 8.77 9.04 19.84
N SER D 206 7.78 8.16 20.02
CA SER D 206 7.98 6.85 20.64
C SER D 206 9.03 6.03 19.94
N LYS D 207 9.35 6.38 18.69
CA LYS D 207 10.41 5.68 17.99
C LYS D 207 11.67 6.54 17.84
N SER D 208 11.84 7.50 18.76
CA SER D 208 13.10 8.25 18.89
C SER D 208 13.46 9.17 17.72
N THR D 209 12.46 9.49 16.91
CA THR D 209 12.74 10.37 15.80
C THR D 209 12.26 11.74 16.17
N GLU D 210 13.06 12.75 15.81
CA GLU D 210 12.69 14.14 15.98
C GLU D 210 11.24 14.31 15.60
N VAL D 211 10.47 14.94 16.46
CA VAL D 211 9.10 15.24 16.08
C VAL D 211 9.15 16.15 14.86
N THR D 212 8.48 15.73 13.80
CA THR D 212 8.57 16.39 12.51
C THR D 212 7.22 16.54 11.78
N SER D 213 6.85 17.76 11.43
CA SER D 213 5.61 17.97 10.68
C SER D 213 5.86 18.62 9.32
N LEU D 214 4.95 18.33 8.40
CA LEU D 214 5.12 18.72 7.02
C LEU D 214 3.90 19.47 6.52
N GLY D 215 4.13 20.38 5.58
CA GLY D 215 3.04 21.07 4.91
C GLY D 215 3.33 21.07 3.43
N ALA D 216 2.34 20.70 2.64
CA ALA D 216 2.54 20.54 1.22
C ALA D 216 1.28 20.88 0.45
N ARG D 217 1.48 21.48 -0.73
CA ARG D 217 0.40 21.96 -1.57
C ARG D 217 0.95 22.01 -2.97
N GLU D 218 0.15 21.67 -3.97
CA GLU D 218 0.61 21.72 -5.36
C GLU D 218 0.05 22.94 -6.07
N ILE D 219 0.85 23.53 -6.95
CA ILE D 219 0.47 24.75 -7.66
C ILE D 219 0.37 24.52 -9.16
N THR D 220 -0.73 24.99 -9.76
CA THR D 220 -0.95 24.76 -11.19
C THR D 220 -1.10 26.04 -12.01
N LEU D 221 -0.55 26.03 -13.22
CA LEU D 221 -0.82 27.09 -14.21
C LEU D 221 -1.55 26.52 -15.44
N GLN E 23 60.14 0.66 24.70
CA GLN E 23 59.81 1.87 25.45
C GLN E 23 58.29 2.04 25.65
N GLN E 24 57.59 0.96 26.02
CA GLN E 24 56.18 1.10 26.39
C GLN E 24 55.88 0.69 27.83
N SER E 25 54.69 1.07 28.29
CA SER E 25 54.21 0.80 29.65
C SER E 25 53.27 -0.40 29.63
N PRO E 26 52.73 -0.83 30.80
CA PRO E 26 51.77 -1.94 30.74
C PRO E 26 50.51 -1.64 29.95
N LEU E 27 49.95 -2.66 29.32
CA LEU E 27 48.70 -2.51 28.58
C LEU E 27 47.50 -2.39 29.52
N ILE E 28 46.73 -1.33 29.36
CA ILE E 28 45.46 -1.22 30.04
C ILE E 28 44.35 -1.73 29.13
N GLN E 29 43.51 -2.61 29.69
CA GLN E 29 42.35 -3.10 28.97
C GLN E 29 41.07 -3.03 29.83
N THR E 30 40.12 -2.18 29.44
CA THR E 30 38.85 -2.12 30.16
C THR E 30 37.63 -2.30 29.24
N SER E 31 36.47 -2.55 29.85
CA SER E 31 35.23 -2.78 29.12
C SER E 31 33.97 -2.71 30.00
N ASN E 32 32.87 -2.23 29.44
CA ASN E 32 31.62 -2.18 30.19
C ASN E 32 30.86 -3.48 30.10
N ALA E 33 31.51 -4.52 29.60
CA ALA E 33 30.90 -5.83 29.46
C ALA E 33 30.61 -6.45 30.84
N ASP E 34 29.39 -6.92 31.05
CA ASP E 34 29.02 -7.43 32.36
C ASP E 34 28.35 -8.79 32.24
N TYR E 35 27.47 -9.13 33.16
CA TYR E 35 26.99 -10.50 33.26
C TYR E 35 26.14 -10.87 32.08
N LYS E 36 25.59 -9.86 31.45
CA LYS E 36 24.72 -10.11 30.31
C LYS E 36 25.50 -10.83 29.21
N SER E 37 26.82 -10.63 29.14
CA SER E 37 27.56 -11.22 28.03
C SER E 37 28.11 -12.61 28.41
N GLY E 38 27.69 -13.13 29.56
CA GLY E 38 27.95 -14.51 29.91
C GLY E 38 29.43 -14.82 29.87
N LYS E 39 29.76 -15.97 29.27
CA LYS E 39 31.15 -16.43 29.08
C LYS E 39 31.92 -15.64 28.04
N ASP E 40 31.35 -14.58 27.51
CA ASP E 40 32.09 -13.73 26.59
C ASP E 40 32.67 -12.53 27.30
N GLN E 41 32.32 -12.38 28.59
CA GLN E 41 32.64 -11.16 29.31
C GLN E 41 34.12 -10.83 29.29
N GLU E 42 34.98 -11.81 29.59
CA GLU E 42 36.40 -11.55 29.72
C GLU E 42 37.12 -11.53 28.37
N LYS E 43 36.64 -12.34 27.42
CA LYS E 43 37.11 -12.24 26.04
C LYS E 43 36.87 -10.85 25.50
N LEU E 44 35.68 -10.27 25.76
CA LEU E 44 35.38 -8.92 25.31
C LEU E 44 36.22 -7.86 26.02
N ARG E 45 36.51 -8.07 27.31
CA ARG E 45 37.29 -7.08 28.07
C ARG E 45 38.73 -6.94 27.57
N THR E 46 39.27 -8.02 27.00
CA THR E 46 40.68 -8.04 26.65
C THR E 46 40.85 -8.10 25.14
N SER E 47 39.85 -7.62 24.41
CA SER E 47 39.88 -7.71 22.96
C SER E 47 40.84 -6.72 22.32
N VAL E 48 40.99 -5.52 22.87
CA VAL E 48 41.87 -4.53 22.25
C VAL E 48 43.30 -4.61 22.76
N SER E 49 44.27 -4.55 21.86
CA SER E 49 45.65 -4.40 22.29
C SER E 49 46.37 -3.30 21.51
N ILE E 50 47.49 -2.83 22.07
CA ILE E 50 48.29 -1.79 21.45
C ILE E 50 49.76 -2.12 21.62
N ASN E 51 50.45 -2.28 20.49
CA ASN E 51 51.89 -2.59 20.50
C ASN E 51 52.71 -1.61 19.69
N LEU E 52 53.79 -1.14 20.29
CA LEU E 52 54.77 -0.26 19.64
C LEU E 52 55.60 -1.02 18.60
N LEU E 53 55.92 -0.36 17.48
CA LEU E 53 56.73 -1.02 16.45
C LEU E 53 58.08 -0.36 16.28
N LYS E 54 58.10 0.89 15.82
CA LYS E 54 59.34 1.59 15.57
C LYS E 54 59.29 2.99 16.19
N GLY E 58 62.05 10.92 15.09
CA GLY E 58 61.09 12.01 15.16
C GLY E 58 59.68 11.57 14.80
N GLN E 59 59.55 10.27 14.59
CA GLN E 59 58.35 9.67 14.07
C GLN E 59 58.02 8.39 14.84
N ILE E 60 56.74 8.11 15.10
CA ILE E 60 56.41 6.91 15.88
C ILE E 60 55.38 6.05 15.17
N GLN E 61 55.47 4.73 15.37
CA GLN E 61 54.62 3.79 14.64
C GLN E 61 54.18 2.64 15.51
N TRP E 62 52.88 2.40 15.54
CA TRP E 62 52.33 1.32 16.36
C TRP E 62 51.22 0.57 15.67
N LYS E 63 50.90 -0.61 16.20
CA LYS E 63 49.79 -1.35 15.66
C LYS E 63 48.72 -1.56 16.71
N VAL E 64 47.48 -1.46 16.23
CA VAL E 64 46.30 -1.69 17.02
C VAL E 64 45.67 -3.01 16.60
N THR E 65 45.17 -3.75 17.56
CA THR E 65 44.55 -5.03 17.26
C THR E 65 43.20 -5.13 17.95
N PHE E 66 42.18 -5.49 17.17
CA PHE E 66 40.82 -5.72 17.67
C PHE E 66 40.39 -7.16 17.40
N ASP E 67 40.34 -7.98 18.44
CA ASP E 67 39.76 -9.31 18.30
C ASP E 67 38.22 -9.26 18.21
N THR E 68 37.69 -9.42 17.00
CA THR E 68 36.26 -9.25 16.76
C THR E 68 35.44 -10.53 16.90
N SER E 69 36.13 -11.65 17.13
CA SER E 69 35.52 -12.96 17.35
C SER E 69 34.17 -13.00 18.06
N GLU E 70 34.09 -12.38 19.23
CA GLU E 70 32.91 -12.57 20.04
C GLU E 70 31.93 -11.42 19.95
N TRP E 71 32.17 -10.52 19.02
CA TRP E 71 31.41 -9.28 18.95
C TRP E 71 30.20 -9.29 18.00
N SER E 72 30.01 -10.40 17.29
CA SER E 72 28.90 -10.58 16.34
C SER E 72 28.76 -9.45 15.33
N PHE E 73 29.90 -8.87 14.94
CA PHE E 73 29.92 -7.72 14.02
C PHE E 73 29.29 -8.02 12.67
N ASN E 74 29.37 -9.29 12.28
CA ASN E 74 28.82 -9.76 11.03
C ASN E 74 27.31 -9.88 11.06
N VAL E 75 26.72 -9.71 12.24
CA VAL E 75 25.27 -9.71 12.36
C VAL E 75 24.84 -8.28 12.55
N LYS E 76 25.48 -7.61 13.50
CA LYS E 76 25.24 -6.20 13.71
C LYS E 76 26.58 -5.52 13.79
N HIS E 77 26.80 -4.57 12.88
CA HIS E 77 28.12 -3.97 12.70
C HIS E 77 28.52 -3.14 13.91
N GLY E 78 29.82 -3.01 14.10
CA GLY E 78 30.33 -2.10 15.10
C GLY E 78 31.19 -0.99 14.53
N GLY E 79 32.01 -0.41 15.40
CA GLY E 79 32.89 0.67 15.01
C GLY E 79 34.13 0.68 15.88
N VAL E 80 35.21 1.22 15.32
CA VAL E 80 36.46 1.34 16.06
C VAL E 80 36.96 2.79 16.08
N TYR E 81 37.74 3.08 17.11
CA TYR E 81 38.32 4.40 17.31
C TYR E 81 39.81 4.28 17.63
N PHE E 82 40.56 5.31 17.24
CA PHE E 82 41.96 5.45 17.57
C PHE E 82 42.10 6.81 18.14
N ILE E 83 42.69 6.91 19.33
CA ILE E 83 42.83 8.21 19.96
C ILE E 83 44.29 8.64 20.02
N LEU E 84 44.56 9.87 19.59
CA LEU E 84 45.92 10.39 19.63
C LEU E 84 46.06 11.54 20.62
N PRO E 85 47.21 11.59 21.33
CA PRO E 85 47.53 12.63 22.30
C PRO E 85 48.07 13.89 21.67
N ASN E 86 48.07 14.97 22.46
CA ASN E 86 48.82 16.18 22.13
C ASN E 86 50.25 15.87 21.74
N GLY E 87 50.76 16.57 20.73
CA GLY E 87 52.14 16.40 20.32
C GLY E 87 52.40 15.21 19.42
N LEU E 88 51.34 14.61 18.89
CA LEU E 88 51.47 13.64 17.80
C LEU E 88 50.60 14.04 16.62
N ASP E 89 51.12 13.82 15.42
CA ASP E 89 50.34 14.10 14.23
C ASP E 89 50.32 12.90 13.30
N LEU E 90 49.14 12.30 13.17
CA LEU E 90 48.97 11.10 12.35
C LEU E 90 49.47 11.35 10.94
N THR E 91 50.36 10.50 10.44
CA THR E 91 50.87 10.71 9.09
C THR E 91 50.50 9.55 8.17
N LYS E 92 50.08 8.43 8.75
CA LYS E 92 49.64 7.29 7.95
C LYS E 92 48.80 6.32 8.78
N ILE E 93 47.77 5.73 8.17
CA ILE E 93 47.04 4.65 8.81
C ILE E 93 46.63 3.58 7.79
N VAL E 94 47.05 2.36 8.08
CA VAL E 94 46.79 1.23 7.23
C VAL E 94 45.85 0.25 7.93
N ASP E 95 44.86 -0.26 7.21
CA ASP E 95 43.83 -1.11 7.82
C ASP E 95 44.14 -2.60 7.71
N ASN E 96 43.13 -3.43 7.94
CA ASN E 96 43.38 -4.86 7.93
C ASN E 96 43.56 -5.41 6.53
N ASN E 97 42.94 -4.78 5.54
CA ASN E 97 43.17 -5.19 4.14
C ASN E 97 44.41 -4.53 3.56
N GLN E 98 45.26 -4.02 4.44
CA GLN E 98 46.48 -3.29 4.12
C GLN E 98 46.28 -2.08 3.22
N HIS E 99 45.11 -1.47 3.28
CA HIS E 99 44.88 -0.24 2.53
C HIS E 99 45.25 0.98 3.35
N ASP E 100 45.88 1.95 2.71
CA ASP E 100 46.26 3.20 3.33
C ASP E 100 45.05 4.11 3.34
N ILE E 101 44.37 4.19 4.48
CA ILE E 101 43.09 4.86 4.48
C ILE E 101 43.23 6.30 4.96
N THR E 102 44.46 6.78 5.06
CA THR E 102 44.74 8.08 5.65
C THR E 102 43.96 9.20 4.98
N ALA E 103 43.82 9.09 3.66
CA ALA E 103 43.11 10.09 2.88
C ALA E 103 41.61 10.16 3.21
N SER E 104 41.03 9.04 3.65
CA SER E 104 39.58 8.99 3.82
C SER E 104 39.07 9.84 4.98
N PHE E 105 39.93 10.07 5.98
CA PHE E 105 39.56 10.87 7.13
C PHE E 105 39.57 12.38 6.81
N PRO E 106 38.52 13.10 7.23
CA PRO E 106 38.50 14.58 7.08
C PRO E 106 39.60 15.19 7.91
N THR E 107 39.85 16.49 7.77
CA THR E 107 40.82 17.13 8.66
C THR E 107 40.16 18.35 9.29
N ASP E 108 39.07 18.76 8.65
CA ASP E 108 38.18 19.79 9.15
C ASP E 108 36.99 19.05 9.76
N ILE E 109 36.80 19.19 11.06
CA ILE E 109 35.73 18.45 11.71
C ILE E 109 34.34 18.87 11.17
N ASN E 110 34.29 19.95 10.37
CA ASN E 110 33.02 20.38 9.78
C ASN E 110 32.90 20.12 8.30
N ASP E 111 33.89 19.41 7.76
CA ASP E 111 33.79 18.91 6.40
C ASP E 111 32.46 18.17 6.23
N TYR E 112 31.87 18.29 5.06
CA TYR E 112 30.56 17.72 4.78
C TYR E 112 30.67 16.22 4.70
N ARG E 113 31.89 15.73 4.76
CA ARG E 113 32.09 14.30 4.71
C ARG E 113 32.53 13.76 6.08
N ASN E 114 32.13 14.48 7.12
CA ASN E 114 32.40 14.05 8.50
C ASN E 114 31.14 13.74 9.31
N SER E 115 30.00 13.63 8.65
CA SER E 115 28.72 13.45 9.34
C SER E 115 28.54 12.04 9.88
N GLY E 116 27.53 11.87 10.74
CA GLY E 116 27.25 10.59 11.36
C GLY E 116 27.11 9.44 10.39
N GLN E 117 26.80 9.76 9.14
CA GLN E 117 26.54 8.73 8.13
C GLN E 117 27.77 8.31 7.35
N GLU E 118 28.86 9.03 7.56
CA GLU E 118 30.13 8.68 6.93
C GLU E 118 30.78 7.51 7.64
N LYS E 119 31.60 6.76 6.90
CA LYS E 119 32.36 5.64 7.43
C LYS E 119 33.58 6.13 8.21
N TYR E 120 34.38 7.02 7.62
CA TYR E 120 35.54 7.56 8.31
C TYR E 120 35.25 8.95 8.88
N ARG E 121 35.48 9.11 10.18
CA ARG E 121 35.22 10.39 10.84
C ARG E 121 36.42 10.86 11.64
N PHE E 122 36.46 12.16 11.93
CA PHE E 122 37.60 12.76 12.63
C PHE E 122 37.15 13.82 13.62
N PHE E 123 37.81 13.82 14.77
CA PHE E 123 37.39 14.64 15.90
C PHE E 123 38.63 15.23 16.57
N SER E 124 38.57 16.50 16.94
CA SER E 124 39.76 17.23 17.38
C SER E 124 39.44 18.23 18.45
N SER E 125 40.07 18.08 19.60
CA SER E 125 39.83 18.97 20.74
C SER E 125 40.13 20.42 20.36
N LYS E 126 41.15 20.62 19.51
CA LYS E 126 41.52 21.97 19.08
C LYS E 126 40.43 22.62 18.22
N GLN E 127 39.49 21.83 17.72
CA GLN E 127 38.50 22.34 16.80
C GLN E 127 37.10 22.31 17.37
N GLY E 128 36.88 21.56 18.43
CA GLY E 128 35.53 21.40 18.92
C GLY E 128 35.33 20.37 20.02
N LEU E 129 34.97 20.87 21.20
CA LEU E 129 34.63 20.01 22.33
C LEU E 129 33.17 19.65 22.31
N ASP E 130 32.31 20.60 21.94
CA ASP E 130 30.87 20.41 22.13
C ASP E 130 30.12 19.94 20.87
N ASN E 131 28.84 19.62 21.06
CA ASN E 131 28.00 19.00 20.05
C ASN E 131 28.42 17.57 19.72
N GLU E 132 27.59 16.95 18.88
CA GLU E 132 27.76 15.58 18.43
C GLU E 132 29.12 15.32 17.78
N ASN E 133 29.65 16.32 17.07
CA ASN E 133 30.96 16.15 16.46
C ASN E 133 32.06 16.77 17.31
N GLY E 134 31.76 17.04 18.57
CA GLY E 134 32.75 17.54 19.53
C GLY E 134 33.59 16.46 20.20
N PHE E 135 34.79 16.83 20.63
CA PHE E 135 35.75 15.89 21.22
C PHE E 135 35.21 15.19 22.46
N ASN E 136 34.67 15.98 23.38
CA ASN E 136 34.14 15.44 24.63
C ASN E 136 33.02 14.42 24.39
N SER E 137 32.15 14.71 23.43
CA SER E 137 30.98 13.87 23.19
C SER E 137 31.38 12.56 22.57
N GLN E 138 32.29 12.62 21.61
CA GLN E 138 32.79 11.43 20.95
C GLN E 138 33.59 10.59 21.91
N TRP E 139 34.32 11.26 22.78
CA TRP E 139 35.05 10.57 23.83
C TRP E 139 34.09 9.81 24.74
N ASN E 140 32.99 10.46 25.12
CA ASN E 140 32.02 9.82 26.01
C ASN E 140 31.36 8.64 25.35
N TRP E 141 31.16 8.75 24.05
CA TRP E 141 30.52 7.69 23.25
C TRP E 141 31.45 6.49 22.97
N SER E 142 32.73 6.61 23.27
CA SER E 142 33.66 5.52 23.06
C SER E 142 34.47 5.17 24.31
N ALA E 143 35.64 5.78 24.45
CA ALA E 143 36.51 5.48 25.57
C ALA E 143 35.75 5.66 26.87
N GLY E 144 34.93 6.70 26.96
CA GLY E 144 34.09 6.93 28.12
C GLY E 144 33.19 5.75 28.47
N GLN E 145 32.67 5.08 27.45
CA GLN E 145 31.73 3.96 27.65
C GLN E 145 32.47 2.67 28.00
N ALA E 146 33.79 2.70 28.06
CA ALA E 146 34.52 1.45 28.22
C ALA E 146 34.98 1.18 29.65
N ASN E 147 34.25 1.73 30.63
CA ASN E 147 34.70 1.72 32.01
C ASN E 147 36.16 2.12 32.21
N PRO E 148 36.59 3.27 31.62
CA PRO E 148 38.01 3.61 31.66
C PRO E 148 38.59 3.66 33.08
N SER E 149 39.77 3.08 33.29
CA SER E 149 40.47 3.17 34.56
C SER E 149 40.96 4.61 34.86
N GLU E 150 41.44 4.84 36.08
CA GLU E 150 41.87 6.16 36.52
C GLU E 150 42.94 6.79 35.61
N THR E 151 43.88 5.97 35.15
CA THR E 151 44.93 6.44 34.28
C THR E 151 44.33 7.09 33.03
N VAL E 152 43.48 6.34 32.35
CA VAL E 152 42.85 6.80 31.12
C VAL E 152 42.05 8.06 31.39
N ASN E 153 41.40 8.12 32.54
CA ASN E 153 40.62 9.30 32.86
C ASN E 153 41.49 10.52 33.20
N SER E 154 42.66 10.29 33.78
CA SER E 154 43.61 11.36 34.08
C SER E 154 44.08 12.03 32.81
N TRP E 155 44.49 11.20 31.85
CA TRP E 155 44.84 11.65 30.51
C TRP E 155 43.76 12.53 29.90
N LYS E 156 42.51 12.09 29.99
CA LYS E 156 41.41 12.88 29.47
C LYS E 156 41.30 14.19 30.25
N SER E 157 40.91 14.10 31.52
CA SER E 157 40.64 15.28 32.33
C SER E 157 41.85 16.21 32.44
N GLY E 158 43.05 15.64 32.27
CA GLY E 158 44.28 16.43 32.22
C GLY E 158 44.64 16.81 30.80
N ASN E 159 43.68 17.42 30.10
CA ASN E 159 43.70 17.69 28.66
C ASN E 159 45.00 17.40 27.93
N ARG E 160 45.15 16.14 27.55
CA ARG E 160 46.40 15.55 27.13
C ARG E 160 46.17 14.74 25.86
N LEU E 161 44.91 14.71 25.42
CA LEU E 161 44.49 13.98 24.23
C LEU E 161 43.82 14.95 23.27
N SER E 162 44.06 14.81 21.98
CA SER E 162 43.56 15.80 21.04
C SER E 162 42.82 15.25 19.83
N LYS E 163 43.11 14.02 19.44
CA LYS E 163 42.53 13.51 18.21
C LYS E 163 41.88 12.13 18.33
N ILE E 164 40.71 11.97 17.71
CA ILE E 164 40.05 10.68 17.58
C ILE E 164 39.73 10.38 16.11
N TYR E 165 40.16 9.23 15.61
CA TYR E 165 39.77 8.76 14.27
C TYR E 165 38.76 7.60 14.42
N PHE E 166 37.68 7.64 13.64
CA PHE E 166 36.60 6.65 13.76
C PHE E 166 36.29 5.92 12.46
N ILE E 167 36.22 4.61 12.54
CA ILE E 167 35.79 3.84 11.38
C ILE E 167 34.51 3.09 11.71
N ASN E 168 33.45 3.45 10.99
CA ASN E 168 32.18 2.78 11.14
C ASN E 168 32.14 1.45 10.38
N GLN E 169 31.08 0.66 10.61
CA GLN E 169 30.66 -0.36 9.65
C GLN E 169 31.77 -1.38 9.50
N ILE E 170 32.26 -1.79 10.66
CA ILE E 170 33.12 -2.95 10.88
C ILE E 170 32.23 -4.15 11.03
N THR E 171 32.40 -5.15 10.16
CA THR E 171 31.55 -6.34 10.15
C THR E 171 32.38 -7.62 10.17
N ASP E 172 33.67 -7.51 10.43
CA ASP E 172 34.55 -8.69 10.43
C ASP E 172 34.31 -9.65 11.60
N THR E 173 34.88 -10.84 11.51
CA THR E 173 34.75 -11.82 12.56
C THR E 173 36.11 -12.35 13.00
N THR E 174 37.16 -11.68 12.54
CA THR E 174 38.53 -12.09 12.83
C THR E 174 39.34 -10.99 13.51
N GLU E 175 40.62 -11.29 13.73
CA GLU E 175 41.54 -10.31 14.29
C GLU E 175 41.89 -9.26 13.27
N LEU E 176 41.48 -8.02 13.54
CA LEU E 176 41.83 -6.90 12.68
C LEU E 176 43.07 -6.21 13.21
N THR E 177 44.04 -5.97 12.33
CA THR E 177 45.19 -5.17 12.73
C THR E 177 45.26 -3.90 11.93
N TYR E 178 45.34 -2.77 12.64
CA TYR E 178 45.56 -1.48 12.02
C TYR E 178 46.97 -1.05 12.42
N THR E 179 47.66 -0.33 11.53
CA THR E 179 49.00 0.17 11.81
C THR E 179 49.04 1.64 11.50
N LEU E 180 49.42 2.43 12.50
CA LEU E 180 49.38 3.88 12.45
C LEU E 180 50.74 4.47 12.69
N THR E 181 51.07 5.50 11.93
CA THR E 181 52.33 6.19 12.11
C THR E 181 52.07 7.67 12.40
N ALA E 182 52.86 8.27 13.27
CA ALA E 182 52.69 9.69 13.51
C ALA E 182 54.01 10.43 13.73
N LYS E 183 54.06 11.66 13.24
CA LYS E 183 55.18 12.58 13.43
C LYS E 183 55.07 13.32 14.76
N VAL E 184 56.19 13.50 15.44
CA VAL E 184 56.23 14.14 16.75
C VAL E 184 56.29 15.68 16.68
N THR E 185 55.46 16.34 17.49
CA THR E 185 55.31 17.80 17.46
C THR E 185 55.99 18.51 18.65
N GLU E 186 56.34 17.74 19.69
CA GLU E 186 56.88 18.31 20.92
C GLU E 186 58.40 18.26 20.94
N SER E 191 56.15 11.68 26.97
CA SER E 191 54.93 10.94 27.31
C SER E 191 53.89 10.97 26.19
N PHE E 192 53.63 9.82 25.58
CA PHE E 192 52.68 9.78 24.48
C PHE E 192 51.68 8.63 24.64
N PRO E 193 50.52 8.95 25.21
CA PRO E 193 49.45 7.98 25.45
C PRO E 193 48.78 7.48 24.14
N LEU E 194 48.67 6.17 23.97
CA LEU E 194 47.99 5.61 22.79
C LEU E 194 46.73 4.82 23.18
N LEU E 195 45.61 5.07 22.50
CA LEU E 195 44.34 4.48 22.89
C LEU E 195 43.52 4.00 21.71
N ALA E 196 42.94 2.82 21.82
CA ALA E 196 41.97 2.39 20.82
C ALA E 196 40.69 1.81 21.42
N VAL E 197 39.57 2.03 20.72
CA VAL E 197 38.26 1.63 21.21
C VAL E 197 37.51 0.80 20.17
N MET E 198 36.63 -0.06 20.67
CA MET E 198 35.88 -1.02 19.88
C MET E 198 34.47 -1.16 20.45
N LYS E 199 33.44 -1.13 19.61
CA LYS E 199 32.10 -1.27 20.16
C LYS E 199 31.06 -1.78 19.18
N SER E 200 29.98 -2.34 19.72
CA SER E 200 28.81 -2.72 18.95
C SER E 200 27.83 -1.52 18.89
N PHE E 201 27.12 -1.39 17.78
CA PHE E 201 26.10 -0.34 17.70
C PHE E 201 24.71 -0.90 17.99
N THR E 202 24.62 -2.20 18.24
CA THR E 202 23.34 -2.81 18.56
C THR E 202 23.30 -3.45 19.94
N TYR E 203 24.30 -4.28 20.25
CA TYR E 203 24.27 -5.08 21.48
C TYR E 203 24.77 -4.31 22.71
N THR E 204 24.00 -4.41 23.79
CA THR E 204 24.20 -3.62 25.02
C THR E 204 24.52 -4.48 26.24
N ASN E 205 25.00 -3.87 27.31
CA ASN E 205 25.14 -4.58 28.60
C ASN E 205 23.88 -4.45 29.46
N SER E 206 23.98 -4.73 30.75
CA SER E 206 22.80 -4.70 31.63
C SER E 206 22.23 -3.29 31.85
N LYS E 207 23.00 -2.26 31.48
CA LYS E 207 22.58 -0.88 31.70
C LYS E 207 22.15 -0.24 30.38
N SER E 208 21.97 -1.07 29.35
CA SER E 208 21.52 -0.62 28.03
C SER E 208 22.52 0.29 27.30
N THR E 209 23.77 0.26 27.73
CA THR E 209 24.86 0.88 26.99
C THR E 209 25.48 -0.09 25.99
N GLU E 210 25.82 0.40 24.81
CA GLU E 210 26.52 -0.40 23.82
C GLU E 210 27.77 -1.05 24.41
N VAL E 211 28.00 -2.32 24.10
CA VAL E 211 29.16 -3.01 24.63
C VAL E 211 30.42 -2.44 23.98
N THR E 212 31.28 -1.89 24.85
CA THR E 212 32.40 -1.06 24.47
C THR E 212 33.64 -1.54 25.23
N SER E 213 34.78 -1.61 24.53
CA SER E 213 36.03 -2.11 25.11
C SER E 213 37.23 -1.24 24.71
N LEU E 214 38.17 -1.09 25.63
CA LEU E 214 39.29 -0.18 25.41
C LEU E 214 40.65 -0.87 25.56
N GLY E 215 41.61 -0.39 24.78
CA GLY E 215 43.00 -0.78 24.92
C GLY E 215 43.84 0.48 24.96
N ALA E 216 44.87 0.48 25.79
CA ALA E 216 45.70 1.68 25.96
C ALA E 216 47.08 1.38 26.55
N ARG E 217 48.05 2.19 26.11
CA ARG E 217 49.46 1.99 26.44
C ARG E 217 50.20 3.31 26.37
N GLU E 218 51.09 3.56 27.32
CA GLU E 218 51.84 4.81 27.31
C GLU E 218 53.18 4.61 26.66
N ILE E 219 53.59 5.57 25.84
CA ILE E 219 54.86 5.51 25.15
C ILE E 219 55.80 6.64 25.58
N THR E 220 57.03 6.26 25.89
CA THR E 220 58.05 7.17 26.38
C THR E 220 59.29 7.14 25.47
N GLN F 23 -18.25 17.81 11.22
CA GLN F 23 -17.99 18.07 9.81
C GLN F 23 -19.15 17.61 8.93
N GLN F 24 -20.17 17.01 9.55
CA GLN F 24 -21.41 16.70 8.86
C GLN F 24 -22.64 16.82 9.78
N SER F 25 -23.68 17.48 9.26
CA SER F 25 -24.93 17.66 9.98
C SER F 25 -25.66 16.32 10.19
N PRO F 26 -26.58 16.26 11.18
CA PRO F 26 -27.35 15.02 11.38
C PRO F 26 -28.08 14.60 10.11
N LEU F 27 -28.23 13.30 9.91
CA LEU F 27 -28.91 12.82 8.71
C LEU F 27 -30.39 13.15 8.74
N ILE F 28 -30.85 13.83 7.69
CA ILE F 28 -32.25 14.12 7.46
C ILE F 28 -32.89 13.05 6.58
N GLN F 29 -33.98 12.43 7.05
CA GLN F 29 -34.68 11.43 6.26
C GLN F 29 -36.17 11.72 6.24
N THR F 30 -36.74 11.79 5.04
CA THR F 30 -38.18 12.03 4.87
C THR F 30 -38.76 11.21 3.72
N SER F 31 -40.06 10.95 3.81
CA SER F 31 -40.75 10.15 2.81
C SER F 31 -42.24 10.51 2.82
N ASN F 32 -42.96 10.05 1.81
CA ASN F 32 -44.39 10.32 1.80
C ASN F 32 -45.13 8.99 1.97
N ALA F 33 -44.36 7.96 2.34
CA ALA F 33 -44.95 6.72 2.80
C ALA F 33 -45.90 7.05 3.93
N ASP F 34 -47.12 6.55 3.83
CA ASP F 34 -48.10 6.74 4.88
C ASP F 34 -48.66 5.37 5.29
N TYR F 35 -49.88 5.36 5.82
CA TYR F 35 -50.45 4.16 6.44
C TYR F 35 -50.68 3.07 5.40
N LYS F 36 -50.87 3.48 4.14
CA LYS F 36 -51.13 2.52 3.07
C LYS F 36 -49.98 1.52 2.88
N SER F 37 -48.81 1.83 3.44
CA SER F 37 -47.67 0.92 3.37
C SER F 37 -47.46 0.08 4.65
N GLY F 38 -48.41 0.12 5.58
CA GLY F 38 -48.36 -0.75 6.75
C GLY F 38 -47.00 -0.82 7.43
N LYS F 39 -46.48 -2.04 7.62
CA LYS F 39 -45.26 -2.22 8.40
C LYS F 39 -44.01 -1.78 7.65
N ASP F 40 -44.14 -1.45 6.38
CA ASP F 40 -42.97 -0.94 5.67
C ASP F 40 -42.82 0.59 5.79
N GLN F 41 -43.79 1.26 6.40
CA GLN F 41 -43.78 2.72 6.42
C GLN F 41 -42.46 3.28 6.97
N GLU F 42 -42.06 2.82 8.15
CA GLU F 42 -40.85 3.31 8.77
C GLU F 42 -39.60 2.87 7.99
N LYS F 43 -39.64 1.67 7.42
CA LYS F 43 -38.46 1.21 6.70
C LYS F 43 -38.30 2.05 5.42
N LEU F 44 -39.42 2.41 4.81
CA LEU F 44 -39.40 3.23 3.59
C LEU F 44 -38.90 4.62 3.91
N ARG F 45 -39.37 5.17 5.03
CA ARG F 45 -38.97 6.52 5.43
C ARG F 45 -37.46 6.62 5.63
N THR F 46 -36.84 5.55 6.11
CA THR F 46 -35.44 5.61 6.45
C THR F 46 -34.53 4.86 5.48
N SER F 47 -35.05 4.57 4.29
CA SER F 47 -34.30 3.80 3.30
C SER F 47 -33.06 4.49 2.69
N VAL F 48 -33.06 5.82 2.63
CA VAL F 48 -31.96 6.55 2.00
C VAL F 48 -30.98 7.13 3.03
N SER F 49 -29.68 7.01 2.77
CA SER F 49 -28.70 7.49 3.72
C SER F 49 -27.45 8.02 3.06
N ILE F 50 -26.92 9.10 3.63
CA ILE F 50 -25.71 9.74 3.15
C ILE F 50 -24.67 9.59 4.25
N ASN F 51 -23.50 9.09 3.87
CA ASN F 51 -22.41 8.93 4.80
C ASN F 51 -21.19 9.54 4.18
N LEU F 52 -20.42 10.24 5.00
CA LEU F 52 -19.29 10.99 4.49
C LEU F 52 -18.02 10.15 4.53
N LEU F 53 -17.21 10.30 3.50
CA LEU F 53 -15.86 9.72 3.52
C LEU F 53 -14.79 10.81 3.70
N LYS F 54 -14.74 11.76 2.77
CA LYS F 54 -13.76 12.84 2.84
C LYS F 54 -14.45 14.20 2.80
N GLY F 58 -10.42 20.97 -1.25
CA GLY F 58 -11.01 21.12 -2.57
C GLY F 58 -11.74 19.85 -3.02
N GLN F 59 -12.06 19.00 -2.05
CA GLN F 59 -12.67 17.72 -2.38
C GLN F 59 -13.65 17.18 -1.33
N ILE F 60 -14.83 16.81 -1.79
CA ILE F 60 -15.80 16.13 -0.94
C ILE F 60 -16.07 14.75 -1.54
N GLN F 61 -16.20 13.75 -0.67
CA GLN F 61 -16.40 12.40 -1.15
C GLN F 61 -17.33 11.66 -0.21
N TRP F 62 -18.47 11.22 -0.73
CA TRP F 62 -19.49 10.65 0.12
C TRP F 62 -20.13 9.49 -0.57
N LYS F 63 -20.78 8.64 0.21
CA LYS F 63 -21.47 7.50 -0.37
C LYS F 63 -22.95 7.63 -0.10
N VAL F 64 -23.75 7.24 -1.10
CA VAL F 64 -25.18 7.21 -0.99
C VAL F 64 -25.71 5.77 -0.95
N THR F 65 -26.37 5.39 0.13
CA THR F 65 -26.87 4.02 0.22
C THR F 65 -28.39 3.93 0.14
N PHE F 66 -28.88 3.07 -0.75
CA PHE F 66 -30.32 2.86 -0.86
C PHE F 66 -30.81 1.49 -0.37
N ASP F 67 -31.51 1.47 0.74
CA ASP F 67 -32.15 0.22 1.15
C ASP F 67 -33.36 -0.08 0.27
N THR F 68 -33.21 -1.01 -0.67
CA THR F 68 -34.30 -1.32 -1.58
C THR F 68 -35.12 -2.55 -1.18
N SER F 69 -34.74 -3.20 -0.07
CA SER F 69 -35.46 -4.36 0.50
C SER F 69 -36.98 -4.32 0.34
N GLU F 70 -37.60 -3.22 0.74
CA GLU F 70 -39.05 -3.17 0.83
C GLU F 70 -39.71 -2.45 -0.32
N TRP F 71 -38.96 -2.14 -1.37
CA TRP F 71 -39.49 -1.28 -2.42
C TRP F 71 -40.15 -2.02 -3.59
N SER F 72 -40.12 -3.35 -3.54
CA SER F 72 -40.64 -4.19 -4.63
C SER F 72 -40.23 -3.76 -6.04
N PHE F 73 -39.08 -3.12 -6.18
CA PHE F 73 -38.55 -2.71 -7.48
C PHE F 73 -38.39 -3.88 -8.46
N ASN F 74 -38.32 -5.09 -7.93
CA ASN F 74 -38.23 -6.30 -8.74
C ASN F 74 -39.55 -6.77 -9.38
N VAL F 75 -40.65 -6.07 -9.11
CA VAL F 75 -41.93 -6.36 -9.76
C VAL F 75 -42.26 -5.18 -10.66
N LYS F 76 -42.23 -4.00 -10.06
CA LYS F 76 -42.34 -2.74 -10.79
C LYS F 76 -41.15 -1.87 -10.37
N HIS F 77 -40.42 -1.35 -11.35
CA HIS F 77 -39.13 -0.73 -11.11
C HIS F 77 -39.23 0.66 -10.49
N GLY F 78 -38.09 1.14 -10.00
CA GLY F 78 -38.00 2.48 -9.48
C GLY F 78 -36.83 3.22 -10.12
N GLY F 79 -36.43 4.32 -9.50
CA GLY F 79 -35.33 5.13 -9.99
C GLY F 79 -34.71 5.85 -8.81
N VAL F 80 -33.49 6.32 -8.98
CA VAL F 80 -32.78 7.00 -7.90
C VAL F 80 -32.31 8.36 -8.36
N TYR F 81 -32.12 9.27 -7.40
CA TYR F 81 -31.70 10.63 -7.71
C TYR F 81 -30.57 11.06 -6.83
N PHE F 82 -29.58 11.73 -7.41
CA PHE F 82 -28.46 12.29 -6.66
C PHE F 82 -28.44 13.80 -6.88
N ILE F 83 -28.45 14.56 -5.79
CA ILE F 83 -28.67 16.00 -5.92
C ILE F 83 -27.53 16.83 -5.35
N LEU F 84 -27.03 17.76 -6.17
CA LEU F 84 -25.83 18.53 -5.84
C LEU F 84 -26.06 20.03 -5.74
N PRO F 85 -25.33 20.68 -4.83
CA PRO F 85 -25.41 22.12 -4.57
C PRO F 85 -24.44 22.95 -5.42
N ASN F 86 -24.62 24.27 -5.43
CA ASN F 86 -23.65 25.19 -6.05
C ASN F 86 -22.25 24.95 -5.50
N GLY F 87 -21.27 24.97 -6.37
CA GLY F 87 -19.89 24.86 -5.94
C GLY F 87 -19.52 23.42 -5.64
N LEU F 88 -20.26 22.49 -6.25
CA LEU F 88 -19.86 21.10 -6.36
C LEU F 88 -20.04 20.67 -7.79
N ASP F 89 -18.94 20.23 -8.40
CA ASP F 89 -19.03 19.51 -9.66
C ASP F 89 -18.67 18.07 -9.37
N LEU F 90 -19.42 17.17 -9.97
CA LEU F 90 -19.10 15.77 -9.81
C LEU F 90 -17.88 15.48 -10.66
N THR F 91 -16.91 14.78 -10.08
CA THR F 91 -15.73 14.33 -10.82
C THR F 91 -15.79 12.82 -11.04
N LYS F 92 -16.41 12.10 -10.11
CA LYS F 92 -16.51 10.63 -10.23
C LYS F 92 -17.71 10.07 -9.44
N ILE F 93 -18.51 9.25 -10.12
CA ILE F 93 -19.53 8.44 -9.45
C ILE F 93 -19.36 6.94 -9.79
N VAL F 94 -19.32 6.12 -8.74
CA VAL F 94 -19.03 4.69 -8.89
C VAL F 94 -20.19 3.84 -8.38
N ASP F 95 -20.80 3.06 -9.27
CA ASP F 95 -22.05 2.42 -8.91
C ASP F 95 -21.85 1.23 -8.00
N ASN F 96 -22.92 0.44 -7.86
CA ASN F 96 -22.94 -0.65 -6.91
C ASN F 96 -22.18 -1.87 -7.42
N ASN F 97 -21.83 -1.86 -8.70
CA ASN F 97 -21.08 -2.95 -9.29
C ASN F 97 -19.62 -2.55 -9.43
N GLN F 98 -19.25 -1.49 -8.72
CA GLN F 98 -17.90 -0.94 -8.73
C GLN F 98 -17.49 -0.39 -10.09
N HIS F 99 -18.46 0.06 -10.88
CA HIS F 99 -18.18 0.70 -12.17
C HIS F 99 -18.20 2.21 -12.08
N ASP F 100 -17.35 2.86 -12.87
CA ASP F 100 -17.36 4.30 -13.01
C ASP F 100 -18.40 4.70 -14.03
N ILE F 101 -19.53 5.22 -13.57
CA ILE F 101 -20.64 5.49 -14.49
C ILE F 101 -20.78 6.98 -14.81
N THR F 102 -19.74 7.75 -14.47
CA THR F 102 -19.75 9.21 -14.63
C THR F 102 -20.09 9.68 -16.06
N ALA F 103 -19.44 9.09 -17.06
CA ALA F 103 -19.67 9.54 -18.43
C ALA F 103 -20.78 8.75 -19.09
N SER F 104 -21.74 8.29 -18.30
CA SER F 104 -22.93 7.66 -18.86
C SER F 104 -24.07 8.67 -18.79
N PHE F 105 -23.88 9.66 -17.91
CA PHE F 105 -24.77 10.80 -17.78
C PHE F 105 -24.49 11.83 -18.86
N PRO F 106 -25.55 12.33 -19.50
CA PRO F 106 -25.42 13.51 -20.38
C PRO F 106 -24.76 14.70 -19.68
N THR F 107 -24.17 15.59 -20.47
CA THR F 107 -23.64 16.85 -19.95
C THR F 107 -24.54 17.99 -20.43
N ASP F 108 -25.19 17.75 -21.56
CA ASP F 108 -26.11 18.69 -22.18
C ASP F 108 -27.52 18.17 -21.92
N ILE F 109 -28.37 18.97 -21.28
CA ILE F 109 -29.69 18.47 -20.90
C ILE F 109 -30.62 18.26 -22.10
N ASN F 110 -30.16 18.61 -23.29
CA ASN F 110 -30.99 18.40 -24.47
C ASN F 110 -30.46 17.32 -25.37
N ASP F 111 -29.43 16.63 -24.87
CA ASP F 111 -28.93 15.40 -25.46
C ASP F 111 -30.10 14.47 -25.77
N TYR F 112 -30.08 13.80 -26.92
CA TYR F 112 -31.22 12.95 -27.29
C TYR F 112 -31.24 11.76 -26.35
N ARG F 113 -30.08 11.40 -25.82
CA ARG F 113 -30.00 10.29 -24.87
C ARG F 113 -30.31 10.74 -23.45
N ASN F 114 -30.94 11.92 -23.34
CA ASN F 114 -31.38 12.45 -22.05
C ASN F 114 -32.90 12.56 -22.02
N SER F 115 -33.59 11.74 -22.80
CA SER F 115 -35.05 11.71 -22.80
C SER F 115 -35.66 10.87 -21.68
N GLY F 116 -36.99 10.83 -21.65
CA GLY F 116 -37.74 9.97 -20.77
C GLY F 116 -37.45 8.49 -20.96
N GLN F 117 -37.18 8.11 -22.20
CA GLN F 117 -36.82 6.72 -22.54
C GLN F 117 -35.60 6.16 -21.78
N GLU F 118 -34.58 7.00 -21.59
CA GLU F 118 -33.24 6.55 -21.21
C GLU F 118 -33.02 6.24 -19.72
N LYS F 119 -31.93 5.52 -19.43
CA LYS F 119 -31.65 5.07 -18.09
C LYS F 119 -31.00 6.17 -17.24
N TYR F 120 -29.97 6.81 -17.80
CA TYR F 120 -29.22 7.82 -17.07
C TYR F 120 -29.61 9.20 -17.51
N ARG F 121 -29.99 10.07 -16.58
CA ARG F 121 -30.43 11.42 -16.96
C ARG F 121 -29.77 12.49 -16.10
N PHE F 122 -29.82 13.72 -16.60
CA PHE F 122 -29.14 14.85 -16.00
C PHE F 122 -29.97 16.11 -16.16
N PHE F 123 -29.99 16.90 -15.10
CA PHE F 123 -30.77 18.12 -15.08
C PHE F 123 -29.89 19.15 -14.39
N SER F 124 -29.93 20.37 -14.90
CA SER F 124 -29.01 21.36 -14.41
C SER F 124 -29.75 22.65 -14.36
N SER F 125 -29.69 23.32 -13.20
CA SER F 125 -30.41 24.56 -13.05
C SER F 125 -29.77 25.66 -13.90
N LYS F 126 -28.46 25.58 -14.14
CA LYS F 126 -27.80 26.54 -15.02
C LYS F 126 -28.39 26.44 -16.43
N GLN F 127 -28.71 25.23 -16.86
CA GLN F 127 -29.17 25.03 -18.23
C GLN F 127 -30.68 25.26 -18.41
N GLY F 128 -31.48 24.68 -17.53
CA GLY F 128 -32.92 24.78 -17.70
C GLY F 128 -33.72 24.53 -16.44
N LEU F 129 -34.66 25.43 -16.15
CA LEU F 129 -35.54 25.28 -15.01
C LEU F 129 -36.82 24.54 -15.36
N ASP F 130 -37.35 24.80 -16.55
CA ASP F 130 -38.70 24.36 -16.83
C ASP F 130 -38.78 23.29 -17.90
N ASN F 131 -40.02 22.83 -18.12
CA ASN F 131 -40.33 21.69 -18.98
C ASN F 131 -39.77 20.38 -18.41
N GLU F 132 -39.94 19.29 -19.16
CA GLU F 132 -39.77 17.94 -18.62
C GLU F 132 -38.35 17.66 -18.15
N ASN F 133 -37.36 18.19 -18.85
CA ASN F 133 -35.94 18.09 -18.46
C ASN F 133 -35.44 19.31 -17.67
N GLY F 134 -36.37 20.02 -17.05
CA GLY F 134 -36.02 21.17 -16.24
C GLY F 134 -35.65 20.75 -14.82
N PHE F 135 -34.96 21.65 -14.13
CA PHE F 135 -34.53 21.38 -12.78
C PHE F 135 -35.71 21.39 -11.80
N ASN F 136 -36.61 22.36 -11.99
CA ASN F 136 -37.73 22.54 -11.09
C ASN F 136 -38.74 21.40 -11.15
N SER F 137 -39.04 20.94 -12.36
CA SER F 137 -40.01 19.87 -12.52
C SER F 137 -39.40 18.61 -11.95
N GLN F 138 -38.20 18.33 -12.40
CA GLN F 138 -37.48 17.23 -11.80
C GLN F 138 -37.28 17.29 -10.27
N TRP F 139 -37.13 18.49 -9.74
CA TRP F 139 -37.14 18.62 -8.30
C TRP F 139 -38.51 18.17 -7.77
N ASN F 140 -39.55 18.67 -8.40
CA ASN F 140 -40.88 18.38 -7.92
C ASN F 140 -41.18 16.91 -7.99
N TRP F 141 -40.58 16.21 -8.95
CA TRP F 141 -40.85 14.79 -9.13
C TRP F 141 -39.92 13.88 -8.32
N SER F 142 -38.89 14.43 -7.69
CA SER F 142 -38.11 13.64 -6.73
C SER F 142 -38.29 14.17 -5.32
N ALA F 143 -37.23 14.75 -4.78
CA ALA F 143 -37.24 15.37 -3.44
C ALA F 143 -38.54 16.09 -3.10
N GLY F 144 -39.07 16.87 -4.04
CA GLY F 144 -40.32 17.59 -3.84
C GLY F 144 -41.48 16.72 -3.41
N GLN F 145 -41.50 15.47 -3.86
CA GLN F 145 -42.55 14.51 -3.53
C GLN F 145 -42.34 13.84 -2.16
N ALA F 146 -41.09 13.83 -1.67
CA ALA F 146 -40.74 13.04 -0.50
C ALA F 146 -41.01 13.72 0.87
N ASN F 147 -42.04 14.57 0.93
CA ASN F 147 -42.31 15.37 2.14
C ASN F 147 -41.07 16.06 2.76
N PRO F 148 -40.37 16.93 2.02
CA PRO F 148 -39.17 17.53 2.60
C PRO F 148 -39.39 18.36 3.86
N SER F 149 -38.46 18.26 4.82
CA SER F 149 -38.46 19.16 5.98
C SER F 149 -38.12 20.57 5.52
N GLU F 150 -38.22 21.53 6.44
CA GLU F 150 -37.99 22.92 6.08
C GLU F 150 -36.59 23.14 5.56
N THR F 151 -35.62 22.52 6.23
CA THR F 151 -34.22 22.68 5.89
C THR F 151 -33.95 22.32 4.43
N VAL F 152 -34.66 21.32 3.94
CA VAL F 152 -34.51 20.88 2.55
C VAL F 152 -35.22 21.85 1.60
N ASN F 153 -36.44 22.23 1.97
CA ASN F 153 -37.18 23.21 1.21
C ASN F 153 -36.43 24.53 1.17
N SER F 154 -35.88 24.95 2.30
CA SER F 154 -35.15 26.21 2.36
C SER F 154 -33.97 26.20 1.41
N TRP F 155 -33.28 25.07 1.33
CA TRP F 155 -32.22 24.84 0.34
C TRP F 155 -32.67 25.05 -1.11
N LYS F 156 -33.83 24.49 -1.48
CA LYS F 156 -34.31 24.60 -2.84
C LYS F 156 -34.74 26.02 -3.16
N SER F 157 -35.51 26.62 -2.26
CA SER F 157 -35.97 27.99 -2.41
C SER F 157 -34.79 28.97 -2.34
N GLY F 158 -33.88 28.72 -1.39
CA GLY F 158 -32.69 29.53 -1.25
C GLY F 158 -31.73 29.48 -2.43
N ASN F 159 -32.14 28.75 -3.47
CA ASN F 159 -31.32 28.51 -4.64
C ASN F 159 -29.91 28.02 -4.29
N ARG F 160 -29.81 26.96 -3.50
CA ARG F 160 -28.52 26.41 -3.16
C ARG F 160 -28.28 25.09 -3.90
N LEU F 161 -29.18 24.72 -4.80
CA LEU F 161 -29.05 23.47 -5.53
C LEU F 161 -28.93 23.64 -7.04
N SER F 162 -28.03 22.89 -7.67
CA SER F 162 -27.71 23.12 -9.08
C SER F 162 -27.91 21.88 -9.96
N LYS F 163 -27.62 20.69 -9.44
CA LYS F 163 -27.56 19.53 -10.31
C LYS F 163 -28.27 18.29 -9.78
N ILE F 164 -28.92 17.59 -10.69
CA ILE F 164 -29.60 16.34 -10.38
C ILE F 164 -29.12 15.24 -11.29
N TYR F 165 -28.60 14.16 -10.70
CA TYR F 165 -28.30 12.95 -11.48
C TYR F 165 -29.39 11.94 -11.19
N PHE F 166 -29.84 11.24 -12.24
CA PHE F 166 -30.92 10.27 -12.13
C PHE F 166 -30.64 8.95 -12.87
N ILE F 167 -31.00 7.86 -12.22
CA ILE F 167 -30.92 6.54 -12.83
C ILE F 167 -32.27 5.87 -12.83
N ASN F 168 -32.77 5.48 -14.01
CA ASN F 168 -33.98 4.68 -14.09
C ASN F 168 -33.76 3.16 -14.02
N GLN F 169 -34.87 2.43 -14.06
CA GLN F 169 -34.84 0.97 -14.12
C GLN F 169 -34.04 0.34 -12.99
N ILE F 170 -34.16 0.89 -11.78
CA ILE F 170 -33.61 0.23 -10.62
C ILE F 170 -34.51 -0.91 -10.23
N THR F 171 -34.01 -2.14 -10.33
CA THR F 171 -34.81 -3.32 -10.08
C THR F 171 -34.26 -4.19 -8.96
N ASP F 172 -33.28 -3.65 -8.23
CA ASP F 172 -32.63 -4.36 -7.13
C ASP F 172 -33.56 -4.64 -5.93
N THR F 173 -33.13 -5.56 -5.07
CA THR F 173 -33.86 -5.90 -3.84
C THR F 173 -32.96 -5.76 -2.59
N THR F 174 -31.71 -5.36 -2.78
CA THR F 174 -30.78 -5.23 -1.67
C THR F 174 -30.26 -3.81 -1.47
N GLU F 175 -29.18 -3.64 -0.71
CA GLU F 175 -28.63 -2.30 -0.45
C GLU F 175 -27.78 -1.81 -1.62
N LEU F 176 -28.16 -0.67 -2.17
CA LEU F 176 -27.42 -0.04 -3.24
C LEU F 176 -26.52 1.02 -2.68
N THR F 177 -25.23 0.95 -3.00
CA THR F 177 -24.33 2.02 -2.64
C THR F 177 -23.68 2.58 -3.88
N TYR F 178 -23.60 3.91 -3.94
CA TYR F 178 -22.82 4.57 -4.97
C TYR F 178 -21.78 5.42 -4.25
N THR F 179 -20.62 5.59 -4.85
CA THR F 179 -19.63 6.45 -4.24
C THR F 179 -19.43 7.67 -5.11
N LEU F 180 -19.53 8.84 -4.49
CA LEU F 180 -19.47 10.10 -5.23
C LEU F 180 -18.31 10.96 -4.79
N THR F 181 -17.57 11.49 -5.75
CA THR F 181 -16.47 12.41 -5.44
C THR F 181 -16.67 13.73 -6.18
N ALA F 182 -16.49 14.83 -5.45
CA ALA F 182 -16.82 16.14 -5.98
C ALA F 182 -15.71 17.18 -5.81
N LYS F 183 -15.66 18.12 -6.74
CA LYS F 183 -14.67 19.19 -6.77
C LYS F 183 -15.27 20.50 -6.24
N VAL F 184 -14.66 21.06 -5.20
CA VAL F 184 -15.13 22.33 -4.61
C VAL F 184 -14.75 23.54 -5.43
N THR F 185 -15.73 24.15 -6.10
CA THR F 185 -15.45 25.27 -6.99
C THR F 185 -15.90 26.60 -6.40
N GLN F 189 -17.28 29.17 0.17
CA GLN F 189 -18.39 28.30 0.57
C GLN F 189 -17.87 27.24 1.51
N GLN F 190 -18.47 27.17 2.70
CA GLN F 190 -18.08 26.13 3.64
C GLN F 190 -19.21 25.13 3.89
N SER F 191 -20.40 25.38 3.35
CA SER F 191 -21.49 24.41 3.52
C SER F 191 -21.96 23.80 2.20
N PHE F 192 -22.14 22.48 2.22
CA PHE F 192 -22.48 21.73 1.02
C PHE F 192 -23.60 20.72 1.27
N PRO F 193 -24.84 21.11 0.99
CA PRO F 193 -25.97 20.19 1.16
C PRO F 193 -25.94 19.05 0.15
N LEU F 194 -25.97 17.81 0.63
CA LEU F 194 -26.00 16.63 -0.24
C LEU F 194 -27.33 15.87 -0.10
N LEU F 195 -27.96 15.53 -1.21
CA LEU F 195 -29.27 14.88 -1.16
C LEU F 195 -29.40 13.72 -2.13
N ALA F 196 -30.23 12.74 -1.73
CA ALA F 196 -30.50 11.58 -2.54
C ALA F 196 -31.96 11.18 -2.43
N VAL F 197 -32.56 10.74 -3.53
CA VAL F 197 -33.97 10.36 -3.54
C VAL F 197 -34.17 9.00 -4.22
N MET F 198 -35.08 8.19 -3.68
CA MET F 198 -35.50 6.95 -4.32
C MET F 198 -37.03 6.86 -4.36
N LYS F 199 -37.55 6.25 -5.42
CA LYS F 199 -39.00 6.13 -5.59
C LYS F 199 -39.40 5.03 -6.56
N SER F 200 -40.60 4.53 -6.35
CA SER F 200 -41.26 3.59 -7.25
C SER F 200 -41.97 4.37 -8.33
N PHE F 201 -42.05 3.81 -9.52
CA PHE F 201 -42.81 4.45 -10.59
C PHE F 201 -44.21 3.87 -10.70
N THR F 202 -44.62 3.11 -9.69
CA THR F 202 -45.92 2.44 -9.70
C THR F 202 -46.66 2.50 -8.36
N TYR F 203 -46.02 2.06 -7.30
CA TYR F 203 -46.66 2.00 -6.01
C TYR F 203 -46.83 3.41 -5.44
N THR F 204 -48.03 3.68 -4.93
CA THR F 204 -48.34 5.00 -4.41
C THR F 204 -48.80 4.97 -2.96
N ASN F 205 -49.02 6.17 -2.41
CA ASN F 205 -49.46 6.30 -1.04
C ASN F 205 -50.93 6.60 -1.04
N SER F 206 -51.48 6.99 0.11
CA SER F 206 -52.92 7.20 0.23
C SER F 206 -53.41 8.29 -0.70
N LYS F 207 -52.50 9.21 -1.04
CA LYS F 207 -52.83 10.36 -1.89
C LYS F 207 -52.45 10.13 -3.35
N SER F 208 -52.10 8.89 -3.67
CA SER F 208 -51.73 8.47 -5.05
C SER F 208 -50.48 9.11 -5.64
N THR F 209 -49.60 9.66 -4.80
CA THR F 209 -48.27 10.05 -5.25
C THR F 209 -47.37 8.83 -5.22
N GLU F 210 -46.43 8.75 -6.15
CA GLU F 210 -45.40 7.71 -6.13
C GLU F 210 -44.76 7.68 -4.76
N VAL F 211 -44.61 6.49 -4.19
CA VAL F 211 -43.91 6.35 -2.92
C VAL F 211 -42.44 6.77 -3.08
N THR F 212 -42.08 7.80 -2.33
CA THR F 212 -40.85 8.55 -2.55
C THR F 212 -40.09 8.78 -1.24
N SER F 213 -38.77 8.56 -1.26
CA SER F 213 -37.97 8.73 -0.05
C SER F 213 -36.71 9.54 -0.25
N LEU F 214 -36.33 10.28 0.77
CA LEU F 214 -35.21 11.20 0.68
C LEU F 214 -34.18 10.96 1.80
N GLY F 215 -32.92 11.29 1.52
CA GLY F 215 -31.88 11.33 2.52
C GLY F 215 -31.05 12.58 2.26
N ALA F 216 -30.78 13.34 3.32
CA ALA F 216 -30.13 14.64 3.19
C ALA F 216 -29.20 14.92 4.36
N ARG F 217 -28.09 15.59 4.04
CA ARG F 217 -27.06 15.88 5.02
C ARG F 217 -26.28 17.14 4.62
N GLU F 218 -25.92 17.95 5.60
CA GLU F 218 -25.09 19.12 5.34
C GLU F 218 -23.62 18.82 5.66
N ILE F 219 -22.76 18.94 4.63
CA ILE F 219 -21.32 18.84 4.84
C ILE F 219 -20.67 20.23 4.96
N THR F 220 -19.86 20.41 5.99
CA THR F 220 -19.20 21.70 6.23
C THR F 220 -17.68 21.62 6.31
#